data_2O1O
#
_entry.id   2O1O
#
_cell.length_a   101.758
_cell.length_b   101.758
_cell.length_c   75.313
_cell.angle_alpha   90.00
_cell.angle_beta   90.00
_cell.angle_gamma   120.00
#
_symmetry.space_group_name_H-M   'P 31'
#
loop_
_entity.id
_entity.type
_entity.pdbx_description
1 polymer 'Putative farnesyl pyrophosphate synthase'
2 non-polymer 'MAGNESIUM ION'
3 non-polymer '1-HYDROXY-2-(3-PYRIDINYL)ETHYLIDENE BIS-PHOSPHONIC ACID'
4 water water
#
_entity_poly.entity_id   1
_entity_poly.type   'polypeptide(L)'
_entity_poly.pdbx_seq_one_letter_code
;MGSSHHHHHHSSGRENLYFQGEYDYTDFINYYDKFKVIVYNVLKKLPLNDEIRKPVIEYYLNCIDYNVKKGKHIRGKILV
LISSLSSAYSNIKRDSIYLLGWVVEAIQALILIADDIMDSGKFRRGAPCWYIVHGQSNAINDIFFLKMLSLSLIFELSSV
FGNDIVMKIQKIYNESIFFTVLGQHLDLSYFDLSKADKISERYFSMVEMKTSRYTFYMPVFFGLTLSEIQVSSAQLNLIE
AILYKLGEFYQVHNDVSDYLFNDSNADDICRFKLTWPLQKSFEIADEEMKLKISENYGKNSSLVKDCYNLLKINEHYLEY
QRNALDYLIKLVKDITDDSLQKVFIHLIHQISELITNSRSNADSNNSL
;
_entity_poly.pdbx_strand_id   A,B
#
loop_
_chem_comp.id
_chem_comp.type
_chem_comp.name
_chem_comp.formula
MG non-polymer 'MAGNESIUM ION' 'Mg 2'
RIS non-polymer '1-HYDROXY-2-(3-PYRIDINYL)ETHYLIDENE BIS-PHOSPHONIC ACID' 'C7 H11 N O7 P2'
#
# COMPACT_ATOMS: atom_id res chain seq x y z
N TYR A 23 19.89 -22.18 -14.79
CA TYR A 23 19.64 -23.51 -14.27
C TYR A 23 18.41 -24.19 -14.87
N ASP A 24 18.05 -23.90 -16.11
CA ASP A 24 16.74 -24.28 -16.59
C ASP A 24 15.69 -23.84 -15.61
N TYR A 25 15.41 -22.56 -15.62
CA TYR A 25 14.55 -21.96 -14.64
C TYR A 25 13.16 -22.02 -15.22
N THR A 26 12.92 -22.98 -16.08
CA THR A 26 11.82 -22.84 -17.01
C THR A 26 10.49 -23.20 -16.36
N ASP A 27 10.50 -24.16 -15.48
CA ASP A 27 9.27 -24.62 -14.84
C ASP A 27 8.60 -23.50 -14.05
N PHE A 28 9.40 -22.63 -13.44
CA PHE A 28 8.88 -21.51 -12.68
C PHE A 28 8.13 -20.56 -13.60
N ILE A 29 8.80 -20.20 -14.71
CA ILE A 29 8.22 -19.27 -15.65
C ILE A 29 6.88 -19.78 -16.20
N ASN A 30 6.75 -21.10 -16.25
CA ASN A 30 5.55 -21.73 -16.80
C ASN A 30 4.45 -21.86 -15.73
N TYR A 31 4.76 -21.55 -14.48
CA TYR A 31 3.77 -21.54 -13.40
C TYR A 31 2.84 -20.33 -13.51
N TYR A 32 3.27 -19.30 -14.23
CA TYR A 32 2.50 -18.09 -14.44
C TYR A 32 1.02 -18.34 -14.70
N ASP A 33 0.73 -19.35 -15.53
CA ASP A 33 -0.66 -19.68 -15.85
C ASP A 33 -1.44 -20.14 -14.62
N LYS A 34 -0.82 -20.93 -13.77
CA LYS A 34 -1.49 -21.40 -12.56
C LYS A 34 -1.69 -20.27 -11.55
N PHE A 35 -0.72 -19.36 -11.49
CA PHE A 35 -0.75 -18.19 -10.61
C PHE A 35 -1.93 -17.28 -10.93
N LYS A 36 -2.01 -16.99 -12.23
CA LYS A 36 -3.07 -16.23 -12.86
C LYS A 36 -4.41 -16.95 -12.73
N VAL A 37 -4.37 -18.27 -12.55
CA VAL A 37 -5.62 -19.00 -12.34
C VAL A 37 -6.03 -18.86 -10.88
N ILE A 38 -5.04 -18.98 -10.04
CA ILE A 38 -5.14 -18.70 -8.65
C ILE A 38 -5.52 -17.28 -8.35
N VAL A 39 -5.16 -16.36 -9.22
CA VAL A 39 -5.60 -15.00 -9.06
C VAL A 39 -7.02 -14.72 -9.51
N TYR A 40 -7.44 -15.34 -10.59
CA TYR A 40 -8.75 -15.16 -11.14
C TYR A 40 -9.77 -15.82 -10.24
N ASN A 41 -9.35 -16.85 -9.56
CA ASN A 41 -10.24 -17.63 -8.76
C ASN A 41 -10.62 -16.91 -7.48
N VAL A 42 -9.70 -16.14 -6.96
CA VAL A 42 -9.97 -15.32 -5.82
C VAL A 42 -10.97 -14.24 -6.10
N LEU A 43 -10.81 -13.58 -7.23
CA LEU A 43 -11.55 -12.37 -7.56
C LEU A 43 -12.99 -12.74 -7.88
N LYS A 44 -13.64 -13.47 -6.96
CA LYS A 44 -15.07 -13.73 -7.07
C LYS A 44 -15.71 -12.90 -5.97
N LYS A 45 -16.02 -11.64 -6.27
CA LYS A 45 -16.41 -10.69 -5.24
C LYS A 45 -17.90 -10.46 -5.13
N LEU A 46 -18.64 -10.81 -6.19
CA LEU A 46 -20.08 -10.56 -6.16
C LEU A 46 -20.90 -11.78 -6.60
N PRO A 47 -21.78 -12.22 -5.70
CA PRO A 47 -22.73 -13.31 -5.99
C PRO A 47 -24.11 -12.73 -6.25
N LEU A 48 -25.14 -13.59 -6.22
CA LEU A 48 -26.51 -13.16 -6.45
C LEU A 48 -26.75 -12.85 -7.94
N ASN A 49 -25.89 -12.01 -8.50
CA ASN A 49 -26.14 -11.44 -9.82
C ASN A 49 -25.29 -12.10 -10.90
N ASP A 50 -25.54 -11.73 -12.15
CA ASP A 50 -24.81 -12.29 -13.28
C ASP A 50 -23.34 -11.86 -13.25
N GLU A 51 -23.03 -10.92 -12.37
CA GLU A 51 -21.67 -10.37 -12.27
C GLU A 51 -21.35 -9.47 -13.46
N ILE A 52 -22.34 -8.60 -13.81
CA ILE A 52 -22.22 -7.70 -14.96
C ILE A 52 -21.15 -6.64 -14.72
N ARG A 53 -20.82 -6.43 -13.43
CA ARG A 53 -19.82 -5.43 -13.10
C ARG A 53 -18.45 -6.07 -12.81
N LYS A 54 -18.08 -7.12 -13.56
CA LYS A 54 -16.77 -7.69 -13.35
C LYS A 54 -15.87 -7.72 -14.59
N PRO A 55 -15.72 -6.64 -15.36
CA PRO A 55 -14.54 -6.48 -16.20
C PRO A 55 -13.43 -5.83 -15.35
N VAL A 56 -13.73 -5.72 -14.05
CA VAL A 56 -12.72 -5.32 -13.09
C VAL A 56 -11.61 -6.39 -13.08
N ILE A 57 -12.03 -7.65 -13.13
CA ILE A 57 -11.09 -8.76 -13.24
C ILE A 57 -10.22 -8.62 -14.49
N GLU A 58 -10.82 -8.14 -15.57
CA GLU A 58 -10.12 -8.03 -16.84
C GLU A 58 -9.20 -6.81 -16.85
N TYR A 59 -9.51 -5.83 -16.01
CA TYR A 59 -8.60 -4.71 -15.76
C TYR A 59 -7.31 -5.19 -15.11
N TYR A 60 -7.44 -6.06 -14.12
CA TYR A 60 -6.34 -6.35 -13.20
C TYR A 60 -5.56 -7.58 -13.64
N LEU A 61 -6.23 -8.49 -14.33
CA LEU A 61 -5.56 -9.51 -15.11
C LEU A 61 -4.63 -8.89 -16.15
N ASN A 62 -5.12 -7.84 -16.81
CA ASN A 62 -4.29 -7.06 -17.73
C ASN A 62 -3.15 -6.35 -16.99
N CYS A 63 -3.46 -5.85 -15.80
CA CYS A 63 -2.47 -5.18 -14.96
C CYS A 63 -1.32 -6.14 -14.66
N ILE A 64 -1.71 -7.36 -14.30
CA ILE A 64 -0.71 -8.39 -13.99
C ILE A 64 0.06 -8.77 -15.23
N ASP A 65 -0.63 -8.95 -16.37
CA ASP A 65 0.10 -9.23 -17.61
C ASP A 65 1.02 -8.07 -17.99
N TYR A 66 0.59 -6.83 -17.72
CA TYR A 66 1.39 -5.68 -18.12
C TYR A 66 2.58 -5.47 -17.19
N ASN A 67 2.37 -5.70 -15.90
CA ASN A 67 3.42 -5.35 -14.95
C ASN A 67 4.24 -6.53 -14.47
N VAL A 68 3.60 -7.64 -14.18
CA VAL A 68 4.31 -8.78 -13.60
C VAL A 68 4.86 -9.73 -14.65
N LYS A 69 4.17 -9.83 -15.78
CA LYS A 69 4.60 -10.73 -16.81
C LYS A 69 5.83 -10.24 -17.53
N LYS A 70 5.94 -8.93 -17.65
CA LYS A 70 7.12 -8.33 -18.24
C LYS A 70 8.13 -8.12 -17.18
N GLY A 71 9.25 -7.55 -17.56
CA GLY A 71 10.44 -7.68 -16.75
C GLY A 71 11.19 -8.88 -17.25
N LYS A 72 12.17 -9.33 -16.50
CA LYS A 72 12.85 -10.53 -16.90
C LYS A 72 12.79 -11.52 -15.76
N HIS A 73 12.28 -11.06 -14.61
CA HIS A 73 11.97 -11.96 -13.51
C HIS A 73 13.23 -12.52 -12.87
N ILE A 74 14.00 -11.65 -12.23
CA ILE A 74 15.23 -12.05 -11.56
C ILE A 74 14.96 -12.52 -10.14
N ARG A 75 14.45 -11.61 -9.32
CA ARG A 75 14.25 -11.90 -7.90
C ARG A 75 13.40 -13.15 -7.70
N GLY A 76 12.40 -13.33 -8.55
CA GLY A 76 11.58 -14.53 -8.52
C GLY A 76 12.46 -15.76 -8.61
N LYS A 77 13.34 -15.75 -9.62
CA LYS A 77 14.30 -16.81 -9.86
C LYS A 77 15.18 -17.08 -8.64
N ILE A 78 15.70 -16.00 -8.06
CA ILE A 78 16.57 -16.09 -6.89
C ILE A 78 15.94 -16.90 -5.77
N LEU A 79 14.65 -16.69 -5.53
CA LEU A 79 13.95 -17.37 -4.45
C LEU A 79 13.78 -18.86 -4.74
N VAL A 80 13.35 -19.16 -5.96
CA VAL A 80 13.17 -20.54 -6.41
C VAL A 80 14.51 -21.28 -6.40
N LEU A 81 15.52 -20.63 -6.97
CA LEU A 81 16.88 -21.17 -6.97
C LEU A 81 17.26 -21.54 -5.54
N ILE A 82 17.13 -20.58 -4.62
CA ILE A 82 17.52 -20.81 -3.24
C ILE A 82 16.72 -21.96 -2.62
N SER A 83 15.41 -21.76 -2.51
CA SER A 83 14.50 -22.71 -1.89
C SER A 83 14.76 -24.15 -2.34
N SER A 84 15.01 -24.33 -3.63
CA SER A 84 15.14 -25.67 -4.18
C SER A 84 16.51 -26.28 -3.93
N LEU A 85 17.48 -25.41 -3.69
CA LEU A 85 18.85 -25.80 -3.76
C LEU A 85 19.34 -26.14 -2.38
N SER A 86 18.72 -25.55 -1.37
CA SER A 86 19.10 -25.87 -0.01
C SER A 86 18.11 -26.81 0.63
N SER A 87 16.99 -27.02 -0.03
CA SER A 87 16.18 -28.18 0.25
C SER A 87 15.22 -28.43 -0.89
N ALA A 88 15.55 -29.39 -1.74
CA ALA A 88 14.86 -29.54 -3.00
C ALA A 88 13.49 -30.17 -2.74
N TYR A 89 12.46 -29.61 -3.34
CA TYR A 89 11.14 -30.20 -3.22
C TYR A 89 10.99 -31.24 -4.29
N SER A 90 10.17 -32.24 -4.05
CA SER A 90 9.95 -33.22 -5.09
C SER A 90 8.58 -33.07 -5.75
N ASN A 91 7.58 -32.67 -4.94
CA ASN A 91 6.25 -32.47 -5.49
C ASN A 91 5.35 -31.74 -4.49
N ILE A 92 4.42 -30.93 -5.05
CA ILE A 92 3.44 -30.20 -4.28
C ILE A 92 3.88 -28.90 -3.60
N LYS A 93 5.02 -28.95 -2.89
CA LYS A 93 5.50 -27.77 -2.17
C LYS A 93 6.13 -26.89 -3.24
N ARG A 94 6.59 -27.52 -4.32
CA ARG A 94 7.21 -26.83 -5.44
C ARG A 94 6.32 -25.74 -6.01
N ASP A 95 5.04 -26.08 -6.20
CA ASP A 95 4.08 -25.11 -6.71
C ASP A 95 3.92 -23.93 -5.76
N SER A 96 4.08 -24.17 -4.47
CA SER A 96 3.90 -23.10 -3.49
C SER A 96 5.15 -22.22 -3.42
N ILE A 97 6.25 -22.78 -3.91
CA ILE A 97 7.49 -22.02 -4.08
C ILE A 97 7.39 -21.17 -5.33
N TYR A 98 6.90 -21.78 -6.42
CA TYR A 98 6.69 -21.06 -7.67
C TYR A 98 5.74 -19.87 -7.48
N LEU A 99 4.64 -20.14 -6.81
CA LEU A 99 3.63 -19.14 -6.47
C LEU A 99 4.25 -17.94 -5.75
N LEU A 100 5.00 -18.21 -4.68
CA LEU A 100 5.64 -17.14 -3.93
C LEU A 100 6.59 -16.35 -4.82
N GLY A 101 7.32 -17.06 -5.67
CA GLY A 101 8.28 -16.39 -6.55
C GLY A 101 7.58 -15.44 -7.50
N TRP A 102 6.34 -15.75 -7.82
CA TRP A 102 5.49 -14.88 -8.62
C TRP A 102 4.89 -13.78 -7.76
N VAL A 103 4.80 -14.07 -6.46
CA VAL A 103 4.37 -13.05 -5.49
C VAL A 103 5.49 -12.03 -5.35
N VAL A 104 6.71 -12.53 -5.19
CA VAL A 104 7.89 -11.66 -5.15
C VAL A 104 7.86 -10.67 -6.31
N GLU A 105 7.68 -11.19 -7.53
CA GLU A 105 7.58 -10.41 -8.75
C GLU A 105 6.50 -9.34 -8.71
N ALA A 106 5.35 -9.65 -8.15
CA ALA A 106 4.32 -8.67 -8.05
C ALA A 106 4.60 -7.63 -7.00
N ILE A 107 5.46 -7.96 -6.05
CA ILE A 107 5.94 -7.01 -5.07
C ILE A 107 6.91 -6.02 -5.65
N GLN A 108 7.86 -6.50 -6.42
CA GLN A 108 8.82 -5.68 -7.08
C GLN A 108 8.15 -4.83 -8.12
N ALA A 109 7.15 -5.35 -8.79
CA ALA A 109 6.44 -4.53 -9.78
C ALA A 109 5.75 -3.36 -9.12
N LEU A 110 5.01 -3.62 -8.05
CA LEU A 110 4.26 -2.54 -7.39
C LEU A 110 5.21 -1.48 -6.85
N ILE A 111 6.42 -1.89 -6.47
CA ILE A 111 7.38 -0.93 -5.93
C ILE A 111 7.85 -0.01 -7.03
N LEU A 112 8.01 -0.56 -8.24
CA LEU A 112 8.55 0.17 -9.39
C LEU A 112 7.52 1.04 -10.07
N ILE A 113 6.24 0.70 -9.91
CA ILE A 113 5.13 1.50 -10.42
C ILE A 113 5.03 2.81 -9.62
N ALA A 114 5.30 2.68 -8.32
CA ALA A 114 5.30 3.81 -7.39
C ALA A 114 6.50 4.71 -7.65
N ASP A 115 7.67 4.09 -7.83
CA ASP A 115 8.94 4.72 -8.12
C ASP A 115 8.92 5.52 -9.41
N ASP A 116 8.16 5.03 -10.41
CA ASP A 116 8.07 5.67 -11.71
C ASP A 116 7.18 6.90 -11.67
N ILE A 117 6.22 6.90 -10.74
CA ILE A 117 5.39 8.08 -10.53
C ILE A 117 6.20 9.19 -9.83
N MET A 118 6.81 8.82 -8.71
CA MET A 118 7.67 9.69 -7.93
C MET A 118 8.79 10.29 -8.77
N ASP A 119 9.29 9.51 -9.73
CA ASP A 119 10.44 9.83 -10.55
C ASP A 119 10.08 10.21 -11.99
N SER A 120 8.80 10.26 -12.31
CA SER A 120 8.34 10.70 -13.62
C SER A 120 8.86 9.84 -14.77
N GLY A 121 9.11 8.55 -14.49
CA GLY A 121 9.62 7.62 -15.48
C GLY A 121 8.83 7.55 -16.77
N LYS A 122 9.43 6.94 -17.78
CA LYS A 122 8.81 6.85 -19.10
C LYS A 122 8.62 5.39 -19.51
N PHE A 123 9.65 4.60 -19.34
CA PHE A 123 9.61 3.18 -19.65
C PHE A 123 10.08 2.30 -18.50
N ARG A 124 9.57 1.09 -18.52
CA ARG A 124 9.86 0.09 -17.55
C ARG A 124 9.58 -1.26 -18.16
N ARG A 125 10.54 -2.17 -18.11
CA ARG A 125 10.33 -3.52 -18.56
C ARG A 125 10.09 -3.50 -20.05
N GLY A 126 10.51 -2.44 -20.69
CA GLY A 126 10.35 -2.28 -22.11
C GLY A 126 9.18 -1.41 -22.42
N ALA A 127 8.13 -1.54 -21.63
CA ALA A 127 6.88 -0.96 -21.97
C ALA A 127 6.76 0.38 -21.27
N PRO A 128 5.80 1.17 -21.69
CA PRO A 128 5.57 2.46 -21.07
C PRO A 128 5.04 2.33 -19.67
N CYS A 129 5.41 3.25 -18.79
CA CYS A 129 5.04 3.13 -17.38
C CYS A 129 3.51 3.14 -17.18
N TRP A 130 3.04 2.18 -16.35
CA TRP A 130 1.64 2.01 -16.02
C TRP A 130 0.95 3.33 -15.66
N TYR A 131 1.64 4.27 -15.01
CA TYR A 131 1.04 5.54 -14.61
C TYR A 131 0.76 6.43 -15.82
N ILE A 132 1.53 6.26 -16.87
CA ILE A 132 1.36 7.01 -18.08
C ILE A 132 0.16 6.50 -18.84
N VAL A 133 0.08 5.18 -18.90
CA VAL A 133 -0.83 4.47 -19.75
C VAL A 133 -2.28 4.52 -19.23
N HIS A 134 -2.43 4.42 -17.92
CA HIS A 134 -3.74 4.41 -17.26
C HIS A 134 -3.94 5.58 -16.32
N GLY A 135 -2.96 6.47 -16.20
CA GLY A 135 -3.04 7.62 -15.32
C GLY A 135 -2.60 7.31 -13.90
N GLN A 136 -2.14 8.34 -13.17
CA GLN A 136 -1.62 8.14 -11.82
C GLN A 136 -2.70 7.92 -10.78
N SER A 137 -3.94 8.37 -11.00
CA SER A 137 -4.97 8.03 -10.00
C SER A 137 -5.15 6.52 -9.90
N ASN A 138 -5.16 5.83 -11.04
CA ASN A 138 -5.30 4.37 -11.12
C ASN A 138 -3.99 3.67 -10.74
N ALA A 139 -2.87 4.31 -11.08
CA ALA A 139 -1.58 3.68 -10.79
C ALA A 139 -1.39 3.48 -9.29
N ILE A 140 -1.75 4.48 -8.49
CA ILE A 140 -1.64 4.42 -7.03
C ILE A 140 -2.55 3.35 -6.45
N ASN A 141 -3.78 3.26 -6.97
CA ASN A 141 -4.74 2.26 -6.54
C ASN A 141 -4.30 0.85 -6.91
N ASP A 142 -3.64 0.75 -8.06
CA ASP A 142 -3.29 -0.55 -8.62
C ASP A 142 -2.11 -1.15 -7.85
N ILE A 143 -1.29 -0.27 -7.30
CA ILE A 143 -0.17 -0.63 -6.45
C ILE A 143 -0.61 -1.47 -5.26
N PHE A 144 -1.69 -1.00 -4.63
CA PHE A 144 -2.17 -1.63 -3.41
C PHE A 144 -3.14 -2.76 -3.70
N PHE A 145 -3.55 -2.93 -4.95
CA PHE A 145 -4.18 -4.14 -5.40
C PHE A 145 -3.18 -5.30 -5.31
N LEU A 146 -1.98 -5.01 -5.85
CA LEU A 146 -0.88 -5.95 -5.92
C LEU A 146 -0.31 -6.24 -4.53
N LYS A 147 -0.27 -5.20 -3.71
CA LYS A 147 0.15 -5.34 -2.32
C LYS A 147 -0.79 -6.26 -1.55
N MET A 148 -2.09 -6.05 -1.71
CA MET A 148 -3.08 -6.79 -0.95
C MET A 148 -3.25 -8.21 -1.48
N LEU A 149 -3.16 -8.36 -2.79
CA LEU A 149 -3.10 -9.68 -3.40
C LEU A 149 -1.89 -10.47 -2.90
N SER A 150 -0.73 -9.82 -2.89
CA SER A 150 0.50 -10.45 -2.45
C SER A 150 0.37 -10.87 -0.99
N LEU A 151 -0.25 -9.96 -0.22
CA LEU A 151 -0.50 -10.22 1.19
C LEU A 151 -1.38 -11.45 1.38
N SER A 152 -2.49 -11.47 0.64
CA SER A 152 -3.46 -12.57 0.74
C SER A 152 -2.90 -13.84 0.13
N LEU A 153 -2.06 -13.70 -0.90
CA LEU A 153 -1.46 -14.90 -1.48
C LEU A 153 -0.41 -15.51 -0.56
N ILE A 154 0.31 -14.68 0.19
CA ILE A 154 1.33 -15.23 1.10
C ILE A 154 0.65 -15.95 2.27
N PHE A 155 -0.60 -15.58 2.52
CA PHE A 155 -1.45 -16.19 3.54
C PHE A 155 -1.98 -17.54 3.05
N GLU A 156 -1.83 -17.79 1.76
CA GLU A 156 -2.25 -18.99 1.05
C GLU A 156 -1.40 -20.20 1.42
N LEU A 157 -0.11 -19.93 1.64
CA LEU A 157 0.89 -20.97 1.92
C LEU A 157 0.65 -21.69 3.24
N SER A 158 -0.13 -21.03 4.14
CA SER A 158 -0.40 -21.59 5.46
C SER A 158 -0.79 -23.07 5.38
N SER A 159 -1.68 -23.38 4.45
CA SER A 159 -2.17 -24.75 4.29
C SER A 159 -1.07 -25.70 3.85
N VAL A 160 -0.01 -25.16 3.28
CA VAL A 160 1.02 -26.05 2.73
C VAL A 160 2.27 -26.14 3.59
N PHE A 161 2.73 -25.01 4.14
CA PHE A 161 3.96 -24.98 4.93
C PHE A 161 3.73 -24.84 6.41
N GLY A 162 2.55 -24.37 6.81
CA GLY A 162 2.30 -24.21 8.23
C GLY A 162 2.44 -22.76 8.69
N ASN A 163 1.83 -22.49 9.82
CA ASN A 163 1.72 -21.16 10.40
C ASN A 163 3.07 -20.55 10.80
N ASP A 164 3.93 -21.37 11.41
CA ASP A 164 5.21 -20.83 11.86
C ASP A 164 6.09 -20.46 10.67
N ILE A 165 5.86 -21.12 9.55
CA ILE A 165 6.62 -20.82 8.34
C ILE A 165 6.07 -19.55 7.66
N VAL A 166 4.76 -19.28 7.83
CA VAL A 166 4.08 -18.13 7.22
C VAL A 166 4.38 -16.84 7.98
N MET A 167 4.36 -16.97 9.34
CA MET A 167 4.67 -15.83 10.19
C MET A 167 6.10 -15.35 9.95
N LYS A 168 6.96 -16.28 9.59
CA LYS A 168 8.36 -15.98 9.31
C LYS A 168 8.50 -15.25 7.97
N ILE A 169 7.73 -15.68 7.01
CA ILE A 169 7.67 -15.07 5.69
C ILE A 169 7.20 -13.62 5.83
N GLN A 170 6.12 -13.47 6.56
CA GLN A 170 5.47 -12.19 6.85
C GLN A 170 6.39 -11.22 7.55
N LYS A 171 7.17 -11.71 8.51
CA LYS A 171 8.16 -10.90 9.21
C LYS A 171 9.24 -10.41 8.25
N ILE A 172 9.62 -11.25 7.29
CA ILE A 172 10.59 -10.85 6.28
C ILE A 172 10.00 -9.82 5.33
N TYR A 173 8.78 -10.10 4.83
CA TYR A 173 8.02 -9.18 3.98
C TYR A 173 7.98 -7.78 4.60
N ASN A 174 7.59 -7.73 5.88
CA ASN A 174 7.41 -6.46 6.56
C ASN A 174 8.71 -5.68 6.64
N GLU A 175 9.73 -6.29 7.24
CA GLU A 175 11.04 -5.69 7.46
C GLU A 175 11.59 -5.08 6.18
N SER A 176 11.57 -5.89 5.14
CA SER A 176 12.11 -5.59 3.82
C SER A 176 11.43 -4.41 3.15
N ILE A 177 10.09 -4.40 3.14
CA ILE A 177 9.42 -3.31 2.42
C ILE A 177 9.46 -2.03 3.24
N PHE A 178 9.53 -2.21 4.56
CA PHE A 178 9.61 -1.05 5.45
C PHE A 178 10.93 -0.32 5.31
N PHE A 179 12.02 -1.08 5.15
CA PHE A 179 13.34 -0.50 4.92
C PHE A 179 13.38 0.20 3.57
N THR A 180 12.78 -0.42 2.55
CA THR A 180 12.71 0.18 1.21
C THR A 180 11.95 1.49 1.25
N VAL A 181 10.85 1.55 2.02
CA VAL A 181 10.01 2.74 2.10
C VAL A 181 10.79 3.92 2.70
N LEU A 182 11.59 3.64 3.73
CA LEU A 182 12.41 4.69 4.32
C LEU A 182 13.62 5.01 3.43
N GLY A 183 14.02 4.04 2.63
CA GLY A 183 15.09 4.22 1.67
C GLY A 183 14.62 5.11 0.53
N GLN A 184 13.36 4.95 0.13
CA GLN A 184 12.77 5.80 -0.89
C GLN A 184 12.53 7.23 -0.38
N HIS A 185 12.37 7.38 0.94
CA HIS A 185 12.18 8.69 1.55
C HIS A 185 13.50 9.47 1.51
N LEU A 186 14.58 8.77 1.82
CA LEU A 186 15.91 9.36 1.74
C LEU A 186 16.25 9.67 0.28
N ASP A 187 15.59 8.96 -0.62
CA ASP A 187 15.83 9.14 -2.06
C ASP A 187 15.11 10.39 -2.55
N LEU A 188 14.01 10.69 -1.85
CA LEU A 188 13.22 11.87 -2.18
C LEU A 188 13.68 13.08 -1.38
N SER A 189 14.49 12.85 -0.35
CA SER A 189 15.00 13.89 0.53
C SER A 189 15.50 15.12 -0.26
N TYR A 190 14.78 16.22 -0.05
CA TYR A 190 14.93 17.48 -0.75
C TYR A 190 16.23 18.20 -0.35
N PHE A 191 16.44 18.19 1.01
CA PHE A 191 17.59 18.90 1.58
C PHE A 191 18.87 18.06 1.44
N ASP A 192 19.58 18.29 0.35
CA ASP A 192 20.95 17.78 0.12
C ASP A 192 21.84 19.01 -0.06
N LEU A 193 22.52 19.40 1.02
CA LEU A 193 23.15 20.72 1.09
C LEU A 193 24.35 20.84 0.16
N SER A 194 25.04 21.97 0.22
CA SER A 194 26.27 22.16 -0.56
C SER A 194 27.40 21.39 0.09
N LYS A 195 27.96 21.98 1.16
CA LYS A 195 29.08 21.37 1.87
C LYS A 195 28.67 20.08 2.57
N ALA A 196 28.87 18.96 1.87
CA ALA A 196 28.49 17.67 2.43
C ALA A 196 29.66 16.67 2.37
N ASP A 197 30.10 16.24 3.55
CA ASP A 197 31.15 15.24 3.65
C ASP A 197 30.54 13.84 3.80
N LYS A 198 29.32 13.82 4.30
CA LYS A 198 28.58 12.58 4.50
C LYS A 198 27.83 12.16 3.25
N ILE A 199 28.07 12.82 2.12
CA ILE A 199 27.43 12.49 0.85
C ILE A 199 27.58 11.02 0.46
N SER A 200 28.71 10.42 0.82
CA SER A 200 28.92 8.99 0.54
C SER A 200 28.22 8.15 1.60
N GLU A 201 28.20 8.63 2.84
CA GLU A 201 27.48 7.95 3.91
C GLU A 201 25.97 8.01 3.69
N ARG A 202 25.48 9.19 3.32
CA ARG A 202 24.06 9.39 3.10
C ARG A 202 23.56 8.57 1.91
N TYR A 203 24.45 8.35 0.95
CA TYR A 203 24.10 7.63 -0.27
C TYR A 203 24.10 6.12 -0.03
N PHE A 204 25.20 5.61 0.49
CA PHE A 204 25.36 4.18 0.69
C PHE A 204 24.42 3.61 1.75
N SER A 205 24.04 4.45 2.71
CA SER A 205 22.97 4.11 3.64
C SER A 205 21.60 4.15 2.97
N MET A 206 21.26 5.31 2.41
CA MET A 206 20.13 5.42 1.51
C MET A 206 19.96 4.14 0.69
N VAL A 207 21.02 3.74 -0.01
CA VAL A 207 20.95 2.63 -0.95
C VAL A 207 20.73 1.31 -0.23
N GLU A 208 21.31 1.18 0.97
CA GLU A 208 21.15 -0.01 1.78
C GLU A 208 19.68 -0.22 2.11
N MET A 209 19.04 0.89 2.46
CA MET A 209 17.64 0.91 2.85
C MET A 209 16.68 0.68 1.68
N LYS A 210 16.85 1.44 0.61
CA LYS A 210 15.92 1.38 -0.52
C LYS A 210 16.16 0.23 -1.46
N THR A 211 17.40 -0.27 -1.61
CA THR A 211 17.63 -1.34 -2.58
C THR A 211 18.05 -2.67 -1.97
N SER A 212 19.08 -2.66 -1.16
CA SER A 212 19.71 -3.86 -0.60
C SER A 212 18.77 -4.83 0.07
N ARG A 213 17.81 -4.29 0.82
CA ARG A 213 16.89 -5.12 1.60
C ARG A 213 16.06 -6.01 0.68
N TYR A 214 15.24 -5.39 -0.16
CA TYR A 214 14.18 -6.11 -0.86
C TYR A 214 14.68 -6.80 -2.13
N THR A 215 15.73 -6.26 -2.76
CA THR A 215 16.18 -6.78 -4.05
C THR A 215 16.77 -8.18 -3.92
N PHE A 216 17.55 -8.40 -2.86
CA PHE A 216 18.23 -9.69 -2.74
C PHE A 216 18.03 -10.33 -1.38
N TYR A 217 17.80 -9.51 -0.35
CA TYR A 217 17.55 -10.11 0.97
C TYR A 217 16.19 -10.81 0.97
N MET A 218 15.17 -10.10 0.47
CA MET A 218 13.79 -10.62 0.57
C MET A 218 13.63 -11.98 -0.12
N PRO A 219 13.97 -12.09 -1.40
CA PRO A 219 13.79 -13.40 -2.06
C PRO A 219 14.67 -14.47 -1.45
N VAL A 220 15.92 -14.13 -1.12
CA VAL A 220 16.81 -15.14 -0.53
C VAL A 220 16.32 -15.58 0.84
N PHE A 221 15.66 -14.67 1.57
CA PHE A 221 15.21 -15.07 2.91
C PHE A 221 13.82 -15.68 2.87
N PHE A 222 13.07 -15.37 1.81
CA PHE A 222 11.91 -16.17 1.43
C PHE A 222 12.33 -17.56 0.98
N GLY A 223 13.33 -17.62 0.11
CA GLY A 223 13.76 -18.88 -0.47
C GLY A 223 14.09 -19.93 0.58
N LEU A 224 14.77 -19.49 1.64
CA LEU A 224 15.39 -20.41 2.57
C LEU A 224 14.60 -20.50 3.88
N THR A 225 13.47 -19.81 3.92
CA THR A 225 12.40 -20.14 4.86
C THR A 225 11.57 -21.33 4.36
N LEU A 226 11.29 -21.33 3.06
CA LEU A 226 10.55 -22.41 2.44
C LEU A 226 11.38 -23.68 2.39
N SER A 227 12.68 -23.51 2.10
CA SER A 227 13.62 -24.62 2.12
C SER A 227 13.86 -25.09 3.55
N GLU A 228 13.74 -24.13 4.49
CA GLU A 228 13.84 -24.37 5.92
C GLU A 228 15.14 -25.06 6.32
N ILE A 229 16.13 -25.10 5.42
CA ILE A 229 17.41 -25.73 5.75
C ILE A 229 18.58 -24.76 5.52
N GLN A 230 19.43 -24.59 6.53
CA GLN A 230 19.38 -25.32 7.80
C GLN A 230 19.53 -24.36 8.98
N VAL A 231 19.92 -24.92 10.13
CA VAL A 231 20.00 -24.17 11.39
C VAL A 231 21.21 -23.25 11.59
N SER A 232 22.01 -23.08 10.53
CA SER A 232 23.16 -22.19 10.58
C SER A 232 22.75 -20.77 10.96
N SER A 233 23.16 -20.34 12.15
CA SER A 233 22.66 -19.10 12.73
C SER A 233 23.79 -18.11 12.95
N ALA A 234 24.98 -18.63 13.24
CA ALA A 234 26.14 -17.80 13.54
C ALA A 234 26.56 -16.98 12.32
N GLN A 235 27.17 -17.66 11.35
CA GLN A 235 27.63 -17.00 10.12
C GLN A 235 26.54 -17.03 9.05
N LEU A 236 25.29 -16.83 9.47
CA LEU A 236 24.22 -16.49 8.54
C LEU A 236 24.12 -14.99 8.33
N ASN A 237 24.90 -14.24 9.09
CA ASN A 237 25.14 -12.83 8.78
C ASN A 237 25.98 -12.66 7.51
N LEU A 238 26.90 -13.58 7.29
CA LEU A 238 27.78 -13.52 6.12
C LEU A 238 26.96 -13.40 4.84
N ILE A 239 25.93 -14.25 4.75
CA ILE A 239 25.04 -14.14 3.60
C ILE A 239 24.40 -12.76 3.53
N GLU A 240 24.02 -12.19 4.68
CA GLU A 240 23.43 -10.84 4.61
C GLU A 240 24.44 -9.83 4.12
N ALA A 241 25.71 -10.02 4.46
CA ALA A 241 26.77 -9.11 4.04
C ALA A 241 27.03 -9.20 2.54
N ILE A 242 26.65 -10.34 1.93
CA ILE A 242 26.80 -10.55 0.50
C ILE A 242 25.67 -9.88 -0.27
N LEU A 243 24.47 -10.06 0.25
CA LEU A 243 23.27 -9.51 -0.38
C LEU A 243 23.26 -7.99 -0.32
N TYR A 244 23.90 -7.46 0.72
CA TYR A 244 24.02 -6.00 0.84
C TYR A 244 24.93 -5.48 -0.27
N LYS A 245 26.11 -6.08 -0.34
CA LYS A 245 27.06 -5.71 -1.39
C LYS A 245 26.44 -5.87 -2.76
N LEU A 246 25.68 -6.95 -2.92
CA LEU A 246 25.00 -7.19 -4.20
C LEU A 246 23.92 -6.15 -4.45
N GLY A 247 23.26 -5.69 -3.39
CA GLY A 247 22.19 -4.72 -3.55
C GLY A 247 22.70 -3.38 -4.03
N GLU A 248 23.71 -2.84 -3.33
CA GLU A 248 24.32 -1.56 -3.68
C GLU A 248 25.10 -1.65 -5.01
N PHE A 249 25.62 -2.84 -5.27
CA PHE A 249 26.28 -3.17 -6.54
C PHE A 249 25.33 -2.94 -7.71
N TYR A 250 24.12 -3.44 -7.52
CA TYR A 250 23.07 -3.37 -8.50
C TYR A 250 22.58 -1.94 -8.66
N GLN A 251 22.42 -1.24 -7.55
CA GLN A 251 21.94 0.14 -7.62
C GLN A 251 23.01 1.09 -8.14
N VAL A 252 24.29 0.80 -7.79
CA VAL A 252 25.38 1.68 -8.28
C VAL A 252 25.47 1.63 -9.80
N HIS A 253 25.22 0.47 -10.37
CA HIS A 253 25.12 0.28 -11.81
C HIS A 253 23.94 1.08 -12.38
N ASN A 254 22.79 0.92 -11.76
CA ASN A 254 21.58 1.65 -12.16
C ASN A 254 21.88 3.14 -12.28
N ASP A 255 22.62 3.66 -11.32
CA ASP A 255 22.94 5.08 -11.31
C ASP A 255 23.90 5.46 -12.45
N VAL A 256 24.95 4.64 -12.62
CA VAL A 256 25.90 4.94 -13.68
C VAL A 256 25.20 4.93 -15.04
N SER A 257 24.42 3.87 -15.26
CA SER A 257 23.66 3.69 -16.49
C SER A 257 22.78 4.89 -16.79
N ASP A 258 22.31 5.56 -15.72
CA ASP A 258 21.48 6.74 -15.92
C ASP A 258 22.34 7.89 -16.44
N TYR A 259 23.54 7.98 -15.87
CA TYR A 259 24.50 9.01 -16.27
C TYR A 259 24.98 8.78 -17.70
N LEU A 260 25.12 7.52 -18.11
CA LEU A 260 25.65 7.14 -19.40
C LEU A 260 24.61 7.06 -20.52
N PHE A 261 23.48 6.42 -20.23
CA PHE A 261 22.53 6.05 -21.26
C PHE A 261 21.16 6.65 -20.99
N ASN A 262 21.10 7.98 -20.92
CA ASN A 262 20.06 8.75 -21.58
C ASN A 262 20.45 10.20 -21.77
N ASP A 263 19.78 10.87 -22.71
CA ASP A 263 19.86 12.33 -22.82
C ASP A 263 18.48 12.94 -22.98
N SER A 264 17.55 12.55 -22.12
CA SER A 264 16.19 13.06 -22.16
C SER A 264 16.15 14.52 -21.71
N ASN A 265 15.03 15.18 -21.99
CA ASN A 265 14.90 16.59 -21.57
C ASN A 265 14.99 16.69 -20.06
N ALA A 266 14.76 15.60 -19.31
CA ALA A 266 14.86 15.63 -17.86
C ALA A 266 15.18 14.24 -17.27
N ASP A 267 16.28 14.14 -16.53
CA ASP A 267 16.70 12.86 -15.95
C ASP A 267 17.16 13.05 -14.50
N ASP A 268 17.98 12.12 -14.04
CA ASP A 268 18.52 12.01 -12.70
C ASP A 268 19.28 13.21 -12.19
N ILE A 269 19.74 14.13 -13.06
CA ILE A 269 20.43 15.32 -12.56
C ILE A 269 19.46 16.50 -12.58
N CYS A 270 18.57 16.49 -13.57
CA CYS A 270 17.49 17.47 -13.58
C CYS A 270 16.64 17.25 -12.34
N ARG A 271 16.51 15.98 -11.96
CA ARG A 271 16.00 15.59 -10.66
C ARG A 271 17.20 15.54 -9.69
N PHE A 272 17.23 16.43 -8.69
CA PHE A 272 18.41 16.40 -7.82
C PHE A 272 18.47 15.08 -7.06
N LYS A 273 18.94 14.06 -7.75
CA LYS A 273 18.97 12.77 -7.13
C LYS A 273 20.35 12.45 -6.65
N LEU A 274 20.43 11.94 -5.42
CA LEU A 274 21.70 11.53 -4.84
C LEU A 274 22.22 10.26 -5.52
N THR A 275 23.28 10.39 -6.31
CA THR A 275 23.71 9.33 -7.20
C THR A 275 25.15 8.92 -6.92
N TRP A 276 25.58 7.82 -7.52
CA TRP A 276 26.93 7.29 -7.28
C TRP A 276 27.97 8.15 -7.98
N PRO A 277 27.71 8.51 -9.23
CA PRO A 277 28.54 9.51 -9.94
C PRO A 277 28.55 10.89 -9.28
N LEU A 278 27.77 11.08 -8.24
CA LEU A 278 27.73 12.32 -7.49
C LEU A 278 28.49 12.30 -6.19
N GLN A 279 28.49 11.18 -5.50
CA GLN A 279 29.24 11.07 -4.28
C GLN A 279 30.71 10.81 -4.48
N LYS A 280 31.05 10.02 -5.48
CA LYS A 280 32.43 9.67 -5.70
C LYS A 280 33.01 10.68 -6.63
N SER A 281 32.21 11.69 -6.91
CA SER A 281 32.63 12.90 -7.60
C SER A 281 32.93 13.97 -6.58
N PHE A 282 32.51 13.78 -5.35
CA PHE A 282 32.80 14.72 -4.30
C PHE A 282 33.91 14.19 -3.44
N GLU A 283 34.50 13.09 -3.87
CA GLU A 283 35.67 12.59 -3.23
C GLU A 283 36.88 12.87 -4.06
N ILE A 284 36.70 13.15 -5.33
CA ILE A 284 37.83 13.42 -6.17
C ILE A 284 37.95 14.82 -6.67
N ALA A 285 36.88 15.57 -6.73
CA ALA A 285 36.92 16.82 -7.45
C ALA A 285 37.62 17.90 -6.65
N ASP A 286 37.55 19.14 -7.14
CA ASP A 286 38.17 20.27 -6.45
C ASP A 286 37.11 21.27 -5.99
N GLU A 287 37.55 22.25 -5.19
CA GLU A 287 36.66 23.32 -4.75
C GLU A 287 35.97 24.00 -5.93
N GLU A 288 36.66 24.03 -7.07
CA GLU A 288 36.19 24.78 -8.23
C GLU A 288 35.21 23.95 -9.05
N MET A 289 35.54 22.68 -9.24
CA MET A 289 34.68 21.77 -9.98
C MET A 289 33.47 21.36 -9.13
N LYS A 290 33.65 21.34 -7.82
CA LYS A 290 32.54 21.15 -6.90
C LYS A 290 31.60 22.36 -6.90
N LEU A 291 31.76 23.21 -7.90
CA LEU A 291 30.83 24.33 -8.10
C LEU A 291 30.08 24.20 -9.43
N LYS A 292 30.77 23.71 -10.45
CA LYS A 292 30.12 23.28 -11.68
C LYS A 292 28.96 22.33 -11.40
N ILE A 293 29.29 21.16 -10.85
CA ILE A 293 28.27 20.16 -10.52
C ILE A 293 27.20 20.67 -9.57
N SER A 294 27.60 21.46 -8.56
CA SER A 294 26.64 21.95 -7.57
C SER A 294 25.62 22.89 -8.16
N GLU A 295 26.08 23.87 -8.94
CA GLU A 295 25.22 24.93 -9.45
C GLU A 295 24.29 24.45 -10.56
N ASN A 296 24.75 23.49 -11.35
CA ASN A 296 23.97 23.06 -12.51
C ASN A 296 23.15 21.80 -12.23
N TYR A 297 23.18 21.32 -10.99
CA TYR A 297 22.38 20.16 -10.63
C TYR A 297 20.88 20.50 -10.64
N GLY A 298 20.11 19.70 -11.37
CA GLY A 298 18.68 19.88 -11.56
C GLY A 298 18.35 20.98 -12.54
N LYS A 299 19.37 21.43 -13.31
CA LYS A 299 19.16 22.55 -14.23
C LYS A 299 19.75 22.24 -15.61
N ASN A 300 20.98 21.74 -15.62
CA ASN A 300 21.65 21.34 -16.85
C ASN A 300 22.47 20.06 -16.67
N SER A 301 21.84 18.92 -17.03
CA SER A 301 22.53 17.64 -16.92
C SER A 301 23.78 17.62 -17.80
N SER A 302 23.62 18.18 -19.02
CA SER A 302 24.74 18.21 -19.95
C SER A 302 26.01 18.68 -19.25
N LEU A 303 25.98 19.96 -18.83
CA LEU A 303 27.15 20.50 -18.16
C LEU A 303 27.61 19.62 -17.00
N VAL A 304 26.65 19.15 -16.20
CA VAL A 304 26.99 18.29 -15.06
C VAL A 304 27.58 16.98 -15.57
N LYS A 305 27.16 16.58 -16.77
CA LYS A 305 27.64 15.33 -17.34
C LYS A 305 29.06 15.48 -17.92
N ASP A 306 29.41 16.72 -18.23
CA ASP A 306 30.72 17.05 -18.80
C ASP A 306 31.84 16.92 -17.77
N CYS A 307 31.56 17.38 -16.57
CA CYS A 307 32.48 17.27 -15.44
C CYS A 307 32.68 15.79 -15.10
N TYR A 308 31.53 15.10 -15.04
CA TYR A 308 31.52 13.65 -14.86
C TYR A 308 32.48 13.01 -15.89
N ASN A 309 32.30 13.48 -17.11
CA ASN A 309 33.06 13.09 -18.28
C ASN A 309 34.55 13.33 -18.05
N LEU A 310 34.90 14.59 -17.78
CA LEU A 310 36.27 14.97 -17.46
C LEU A 310 36.90 13.94 -16.51
N LEU A 311 36.31 13.96 -15.31
CA LEU A 311 36.68 13.08 -14.21
C LEU A 311 36.54 11.60 -14.57
N LYS A 312 35.79 11.34 -15.65
CA LYS A 312 35.50 9.99 -16.10
C LYS A 312 34.84 9.06 -15.09
N ILE A 313 33.59 9.34 -14.76
CA ILE A 313 32.90 8.49 -13.78
C ILE A 313 32.90 6.99 -14.11
N ASN A 314 32.76 6.69 -15.38
CA ASN A 314 32.73 5.31 -15.84
C ASN A 314 34.05 4.62 -15.60
N GLU A 315 35.08 5.42 -15.45
CA GLU A 315 36.41 4.96 -15.05
C GLU A 315 36.44 4.29 -13.71
N HIS A 316 36.29 5.09 -12.67
CA HIS A 316 36.32 4.61 -11.32
C HIS A 316 35.16 3.69 -11.04
N TYR A 317 34.15 3.69 -11.90
CA TYR A 317 33.05 2.74 -11.73
C TYR A 317 33.56 1.34 -12.07
N LEU A 318 34.49 1.29 -13.02
CA LEU A 318 35.12 0.00 -13.35
C LEU A 318 35.90 -0.49 -12.14
N GLU A 319 36.68 0.43 -11.53
CA GLU A 319 37.41 0.03 -10.33
C GLU A 319 36.44 -0.49 -9.27
N TYR A 320 35.29 0.19 -9.16
CA TYR A 320 34.25 -0.23 -8.23
C TYR A 320 33.87 -1.69 -8.46
N GLN A 321 33.46 -2.03 -9.69
CA GLN A 321 33.02 -3.39 -9.97
C GLN A 321 34.07 -4.41 -9.58
N ARG A 322 35.33 -4.13 -9.88
CA ARG A 322 36.43 -5.06 -9.59
C ARG A 322 36.53 -5.40 -8.11
N ASN A 323 36.50 -4.35 -7.29
CA ASN A 323 36.59 -4.52 -5.84
C ASN A 323 35.31 -5.12 -5.31
N ALA A 324 34.19 -4.74 -5.94
CA ALA A 324 32.87 -5.25 -5.56
C ALA A 324 32.78 -6.75 -5.78
N LEU A 325 33.31 -7.21 -6.91
CA LEU A 325 33.28 -8.65 -7.18
C LEU A 325 34.43 -9.35 -6.47
N ASP A 326 35.48 -8.58 -6.20
CA ASP A 326 36.61 -9.12 -5.45
C ASP A 326 36.17 -9.43 -4.01
N TYR A 327 35.59 -8.42 -3.34
CA TYR A 327 35.16 -8.64 -1.97
C TYR A 327 34.05 -9.69 -1.91
N LEU A 328 33.20 -9.69 -2.94
CA LEU A 328 32.06 -10.59 -3.02
C LEU A 328 32.50 -12.04 -3.09
N ILE A 329 33.41 -12.28 -4.06
CA ILE A 329 33.94 -13.64 -4.26
C ILE A 329 34.70 -14.13 -3.04
N LYS A 330 35.51 -13.31 -2.41
CA LYS A 330 36.27 -13.64 -1.22
C LYS A 330 35.37 -14.00 -0.05
N LEU A 331 34.21 -13.32 -0.03
CA LEU A 331 33.22 -13.56 1.03
C LEU A 331 32.53 -14.92 0.85
N VAL A 332 32.23 -15.22 -0.41
CA VAL A 332 31.57 -16.49 -0.72
C VAL A 332 32.50 -17.65 -0.44
N LYS A 333 33.82 -17.39 -0.43
CA LYS A 333 34.74 -18.49 -0.10
C LYS A 333 34.62 -18.88 1.38
N ASP A 334 33.91 -18.09 2.17
CA ASP A 334 33.82 -18.33 3.60
C ASP A 334 32.53 -19.02 4.03
N ILE A 335 31.65 -19.35 3.09
CA ILE A 335 30.38 -19.98 3.50
C ILE A 335 30.66 -21.38 4.04
N THR A 336 29.89 -21.76 5.04
CA THR A 336 30.02 -23.04 5.72
C THR A 336 29.54 -24.21 4.86
N ASP A 337 28.40 -24.05 4.18
CA ASP A 337 27.85 -25.10 3.33
C ASP A 337 28.34 -24.94 1.88
N ASP A 338 29.13 -25.94 1.41
CA ASP A 338 29.59 -25.92 0.01
C ASP A 338 28.39 -25.87 -0.94
N SER A 339 27.22 -26.22 -0.41
CA SER A 339 25.99 -26.17 -1.21
C SER A 339 25.54 -24.72 -1.36
N LEU A 340 25.46 -24.02 -0.23
CA LEU A 340 25.06 -22.62 -0.23
C LEU A 340 26.07 -21.77 -1.01
N GLN A 341 27.34 -22.01 -0.74
CA GLN A 341 28.44 -21.31 -1.38
C GLN A 341 28.25 -21.25 -2.90
N LYS A 342 27.95 -22.40 -3.50
CA LYS A 342 27.75 -22.47 -4.94
C LYS A 342 26.52 -21.68 -5.39
N VAL A 343 25.47 -21.70 -4.60
CA VAL A 343 24.26 -20.94 -4.87
C VAL A 343 24.55 -19.44 -4.89
N PHE A 344 25.41 -19.05 -3.94
CA PHE A 344 25.81 -17.65 -3.80
C PHE A 344 26.80 -17.24 -4.90
N ILE A 345 27.66 -18.17 -5.31
CA ILE A 345 28.58 -17.89 -6.42
C ILE A 345 27.79 -17.74 -7.71
N HIS A 346 26.86 -18.68 -7.91
CA HIS A 346 25.94 -18.65 -9.04
C HIS A 346 25.08 -17.39 -9.01
N LEU A 347 24.65 -17.00 -7.82
CA LEU A 347 23.83 -15.78 -7.70
C LEU A 347 24.60 -14.60 -8.27
N ILE A 348 25.73 -14.32 -7.62
CA ILE A 348 26.60 -13.19 -7.98
C ILE A 348 27.00 -13.23 -9.45
N HIS A 349 27.21 -14.44 -9.97
CA HIS A 349 27.58 -14.58 -11.38
C HIS A 349 26.45 -14.13 -12.29
N GLN A 350 25.23 -14.54 -11.95
CA GLN A 350 24.06 -14.17 -12.74
C GLN A 350 23.76 -12.68 -12.61
N ILE A 351 24.07 -12.11 -11.45
CA ILE A 351 23.84 -10.70 -11.19
C ILE A 351 24.87 -9.84 -11.93
N SER A 352 26.16 -10.13 -11.73
CA SER A 352 27.25 -9.43 -12.41
C SER A 352 27.04 -9.44 -13.93
N GLU A 353 26.85 -10.60 -14.50
CA GLU A 353 26.56 -10.68 -15.90
C GLU A 353 25.34 -9.88 -16.29
N LEU A 354 24.24 -10.13 -15.60
CA LEU A 354 23.00 -9.44 -15.95
C LEU A 354 23.18 -7.92 -15.92
N ILE A 355 24.00 -7.47 -14.96
CA ILE A 355 24.37 -6.05 -14.90
C ILE A 355 25.08 -5.70 -16.21
N THR A 356 25.86 -6.68 -16.69
CA THR A 356 26.53 -6.55 -17.98
C THR A 356 25.67 -7.13 -19.10
N ASN A 357 24.61 -6.39 -19.44
CA ASN A 357 23.68 -6.78 -20.51
C ASN A 357 23.72 -5.78 -21.67
N TYR B 23 -19.48 8.92 25.16
CA TYR B 23 -18.65 7.78 25.55
C TYR B 23 -17.17 8.15 25.67
N ASP B 24 -16.43 7.30 26.36
CA ASP B 24 -14.98 7.43 26.45
C ASP B 24 -14.31 6.09 26.70
N TYR B 25 -13.38 5.71 25.83
CA TYR B 25 -12.87 6.63 24.82
C TYR B 25 -11.90 7.64 25.42
N THR B 26 -11.81 7.66 26.75
CA THR B 26 -10.66 8.20 27.45
C THR B 26 -10.27 7.34 28.64
N ASP B 27 -9.34 6.41 28.42
CA ASP B 27 -8.01 6.75 27.93
C ASP B 27 -7.64 5.94 26.70
N PHE B 28 -8.50 5.99 25.68
CA PHE B 28 -8.13 5.56 24.34
C PHE B 28 -7.35 6.65 23.61
N ILE B 29 -7.82 7.89 23.72
CA ILE B 29 -7.20 9.01 23.03
C ILE B 29 -5.84 9.33 23.63
N ASN B 30 -5.78 9.20 24.95
CA ASN B 30 -4.60 9.59 25.72
C ASN B 30 -3.47 8.58 25.55
N TYR B 31 -3.79 7.44 24.95
CA TYR B 31 -2.79 6.40 24.70
C TYR B 31 -1.95 6.76 23.46
N TYR B 32 -2.39 7.77 22.75
CA TYR B 32 -1.66 8.25 21.57
C TYR B 32 -0.17 8.43 21.90
N ASP B 33 0.06 9.07 23.04
CA ASP B 33 1.38 9.32 23.59
C ASP B 33 2.19 8.02 23.61
N LYS B 34 1.62 6.98 24.21
CA LYS B 34 2.28 5.68 24.29
C LYS B 34 2.37 5.01 22.92
N PHE B 35 1.43 5.38 22.05
CA PHE B 35 1.43 4.90 20.69
C PHE B 35 2.55 5.53 19.90
N LYS B 36 2.80 6.81 20.09
CA LYS B 36 3.91 7.46 19.45
C LYS B 36 5.25 6.91 19.84
N VAL B 37 5.42 6.57 21.09
CA VAL B 37 6.69 6.04 21.60
C VAL B 37 7.03 4.70 20.96
N ILE B 38 6.01 3.90 20.72
CA ILE B 38 6.14 2.59 20.07
C ILE B 38 6.50 2.74 18.59
N VAL B 39 6.00 3.79 17.95
CA VAL B 39 6.39 4.08 16.58
C VAL B 39 7.82 4.62 16.58
N TYR B 40 8.13 5.41 17.62
CA TYR B 40 9.45 6.02 17.76
C TYR B 40 10.53 4.97 18.00
N ASN B 41 10.23 3.93 18.79
CA ASN B 41 11.23 2.93 19.11
C ASN B 41 11.35 1.87 18.01
N VAL B 42 10.34 1.79 17.13
CA VAL B 42 10.39 0.89 15.98
C VAL B 42 11.33 1.47 14.92
N LEU B 43 11.53 2.78 15.02
CA LEU B 43 12.32 3.54 14.05
C LEU B 43 13.80 3.49 14.40
N LYS B 44 14.23 2.37 14.95
CA LYS B 44 15.65 2.11 15.18
C LYS B 44 16.26 1.34 14.02
N LYS B 45 16.58 2.06 12.95
CA LYS B 45 16.96 1.44 11.70
C LYS B 45 18.43 1.05 11.61
N LEU B 46 19.38 1.91 11.88
CA LEU B 46 19.22 3.30 12.27
C LEU B 46 20.00 4.24 11.35
N PRO B 55 15.83 12.76 12.13
CA PRO B 55 15.62 13.39 10.82
C PRO B 55 14.45 12.73 10.11
N VAL B 56 14.55 11.40 9.95
CA VAL B 56 13.45 10.65 9.36
C VAL B 56 12.39 10.40 10.43
N ILE B 57 12.89 10.21 11.65
CA ILE B 57 12.04 9.98 12.83
C ILE B 57 11.12 11.18 13.05
N GLU B 58 11.74 12.35 13.06
CA GLU B 58 11.04 13.63 13.09
C GLU B 58 10.06 13.80 11.96
N TYR B 59 10.41 13.34 10.78
CA TYR B 59 9.52 13.48 9.63
C TYR B 59 8.23 12.69 9.88
N TYR B 60 8.42 11.40 10.14
CA TYR B 60 7.33 10.44 10.18
C TYR B 60 6.53 10.52 11.48
N LEU B 61 7.17 11.01 12.53
CA LEU B 61 6.47 11.29 13.78
C LEU B 61 5.49 12.43 13.52
N ASN B 62 5.92 13.40 12.72
CA ASN B 62 5.05 14.50 12.32
C ASN B 62 3.99 14.04 11.32
N CYS B 63 4.36 13.09 10.48
CA CYS B 63 3.44 12.54 9.50
C CYS B 63 2.23 11.89 10.17
N ILE B 64 2.48 11.20 11.28
CA ILE B 64 1.41 10.57 12.04
C ILE B 64 0.66 11.58 12.88
N ASP B 65 1.36 12.64 13.30
CA ASP B 65 0.73 13.74 14.03
C ASP B 65 -0.22 14.52 13.13
N TYR B 66 0.17 14.67 11.87
CA TYR B 66 -0.65 15.42 10.91
C TYR B 66 -1.88 14.64 10.46
N ASN B 67 -1.73 13.34 10.24
CA ASN B 67 -2.78 12.54 9.62
C ASN B 67 -3.51 11.62 10.58
N VAL B 68 -2.86 11.20 11.67
CA VAL B 68 -3.47 10.25 12.59
C VAL B 68 -3.99 10.93 13.86
N LYS B 69 -3.27 11.94 14.30
CA LYS B 69 -3.65 12.67 15.52
C LYS B 69 -4.93 13.47 15.32
N LYS B 70 -5.05 14.06 14.13
CA LYS B 70 -6.19 14.89 13.75
C LYS B 70 -7.44 14.08 13.49
N GLY B 71 -8.61 14.54 13.97
CA GLY B 71 -9.86 13.88 13.65
C GLY B 71 -10.66 13.42 14.85
N LYS B 72 -11.81 12.81 14.57
CA LYS B 72 -12.74 12.30 15.56
C LYS B 72 -12.36 10.90 16.04
N HIS B 73 -11.62 10.18 15.23
CA HIS B 73 -11.21 8.85 15.57
C HIS B 73 -12.38 7.90 15.76
N ILE B 74 -13.37 8.00 14.90
CA ILE B 74 -14.57 7.19 15.03
C ILE B 74 -14.29 5.68 14.87
N ARG B 75 -13.42 5.31 13.94
CA ARG B 75 -13.18 3.92 13.60
C ARG B 75 -12.31 3.22 14.64
N GLY B 76 -11.32 3.92 15.18
CA GLY B 76 -10.54 3.36 16.29
C GLY B 76 -11.41 3.29 17.54
N LYS B 77 -12.39 4.20 17.61
CA LYS B 77 -13.33 4.20 18.73
C LYS B 77 -14.27 3.01 18.67
N ILE B 78 -14.64 2.59 17.48
CA ILE B 78 -15.48 1.40 17.26
C ILE B 78 -14.79 0.12 17.71
N LEU B 79 -13.46 0.13 17.67
CA LEU B 79 -12.68 -1.01 18.12
C LEU B 79 -12.69 -1.18 19.63
N VAL B 80 -12.76 -0.07 20.36
CA VAL B 80 -12.76 -0.08 21.81
C VAL B 80 -14.13 -0.42 22.37
N LEU B 81 -15.17 0.12 21.73
CA LEU B 81 -16.56 -0.13 22.06
C LEU B 81 -16.87 -1.62 21.97
N ILE B 82 -16.56 -2.23 20.81
CA ILE B 82 -16.78 -3.64 20.58
C ILE B 82 -15.90 -4.50 21.49
N SER B 83 -14.71 -4.00 21.80
CA SER B 83 -13.78 -4.69 22.69
C SER B 83 -14.30 -4.67 24.13
N SER B 84 -15.46 -4.06 24.34
CA SER B 84 -15.80 -3.49 25.63
C SER B 84 -16.55 -4.50 26.49
N LEU B 85 -17.84 -4.67 26.22
CA LEU B 85 -18.66 -5.66 26.90
C LEU B 85 -18.31 -7.08 26.45
N SER B 86 -17.90 -7.20 25.19
CA SER B 86 -17.55 -8.49 24.63
C SER B 86 -16.45 -9.18 25.41
N SER B 87 -15.42 -8.43 25.80
CA SER B 87 -14.29 -9.06 26.53
C SER B 87 -14.43 -8.85 28.04
N ALA B 88 -13.86 -9.77 28.81
CA ALA B 88 -13.93 -9.71 30.26
C ALA B 88 -12.57 -9.40 30.87
N TYR B 89 -12.54 -8.42 31.76
CA TYR B 89 -11.29 -8.03 32.43
C TYR B 89 -10.48 -9.25 32.83
N SER B 90 -9.36 -9.45 32.15
CA SER B 90 -8.37 -10.44 32.58
C SER B 90 -6.95 -9.90 32.45
N ASN B 91 -6.61 -9.45 31.24
CA ASN B 91 -5.22 -9.17 30.89
C ASN B 91 -4.98 -7.71 30.55
N ILE B 92 -3.72 -7.29 30.55
CA ILE B 92 -3.35 -5.96 30.09
C ILE B 92 -3.30 -5.88 28.57
N LYS B 93 -4.27 -6.53 27.93
CA LYS B 93 -4.44 -6.48 26.47
C LYS B 93 -5.07 -5.14 26.10
N ARG B 94 -5.52 -4.47 27.14
CA ARG B 94 -6.18 -3.19 27.04
C ARG B 94 -5.29 -2.19 26.37
N ASP B 95 -4.04 -2.12 26.78
CA ASP B 95 -3.02 -1.33 26.11
C ASP B 95 -2.94 -1.77 24.65
N SER B 96 -2.86 -3.10 24.47
CA SER B 96 -2.74 -3.70 23.16
C SER B 96 -3.97 -3.42 22.31
N ILE B 97 -5.11 -3.28 23.00
CA ILE B 97 -6.34 -2.95 22.27
C ILE B 97 -6.31 -1.50 21.83
N TYR B 98 -5.71 -0.65 22.66
CA TYR B 98 -5.58 0.77 22.34
C TYR B 98 -4.64 0.98 21.16
N LEU B 99 -3.53 0.25 21.16
CA LEU B 99 -2.55 0.27 20.06
C LEU B 99 -3.24 -0.06 18.74
N LEU B 100 -3.99 -1.16 18.78
CA LEU B 100 -4.71 -1.61 17.61
C LEU B 100 -5.78 -0.58 17.22
N GLY B 101 -6.28 0.15 18.22
CA GLY B 101 -7.23 1.21 17.95
C GLY B 101 -6.56 2.36 17.22
N TRP B 102 -5.24 2.46 17.38
CA TRP B 102 -4.46 3.50 16.71
C TRP B 102 -3.90 3.01 15.39
N VAL B 103 -3.90 1.70 15.22
CA VAL B 103 -3.49 1.05 13.98
C VAL B 103 -4.58 1.28 12.92
N VAL B 104 -5.82 1.15 13.39
CA VAL B 104 -7.01 1.37 12.58
C VAL B 104 -7.07 2.82 12.11
N GLU B 105 -6.64 3.72 13.01
CA GLU B 105 -6.56 5.13 12.69
C GLU B 105 -5.50 5.43 11.64
N ALA B 106 -4.39 4.68 11.68
CA ALA B 106 -3.32 4.86 10.70
C ALA B 106 -3.72 4.25 9.36
N ILE B 107 -4.56 3.23 9.42
CA ILE B 107 -5.12 2.59 8.22
C ILE B 107 -6.10 3.51 7.52
N GLN B 108 -6.97 4.12 8.32
CA GLN B 108 -7.92 5.11 7.80
C GLN B 108 -7.17 6.30 7.19
N ALA B 109 -6.23 6.86 7.95
CA ALA B 109 -5.40 7.96 7.45
C ALA B 109 -4.71 7.67 6.11
N LEU B 110 -4.00 6.54 6.00
CA LEU B 110 -3.27 6.20 4.78
C LEU B 110 -4.20 5.98 3.59
N ILE B 111 -5.44 5.59 3.86
CA ILE B 111 -6.41 5.43 2.78
C ILE B 111 -6.87 6.78 2.28
N LEU B 112 -6.87 7.77 3.21
CA LEU B 112 -7.41 9.08 2.88
C LEU B 112 -6.36 9.95 2.20
N ILE B 113 -5.10 9.75 2.56
CA ILE B 113 -4.00 10.46 1.88
C ILE B 113 -3.90 10.01 0.42
N ALA B 114 -4.30 8.77 0.19
CA ALA B 114 -4.32 8.14 -1.12
C ALA B 114 -5.54 8.60 -1.89
N ASP B 115 -6.65 8.81 -1.18
CA ASP B 115 -7.89 9.27 -1.78
C ASP B 115 -7.80 10.72 -2.24
N ASP B 116 -7.21 11.59 -1.44
CA ASP B 116 -7.10 13.01 -1.72
C ASP B 116 -6.20 13.33 -2.91
N ILE B 117 -5.24 12.47 -3.19
CA ILE B 117 -4.42 12.60 -4.39
C ILE B 117 -5.24 12.35 -5.65
N MET B 118 -5.86 11.18 -5.73
CA MET B 118 -6.68 10.82 -6.88
C MET B 118 -7.79 11.83 -7.09
N ASP B 119 -8.36 12.33 -6.00
CA ASP B 119 -9.56 13.15 -6.07
C ASP B 119 -9.22 14.64 -6.03
N SER B 120 -7.92 14.94 -6.09
CA SER B 120 -7.44 16.32 -6.02
C SER B 120 -8.09 17.07 -4.84
N GLY B 121 -7.94 16.49 -3.65
CA GLY B 121 -8.50 17.08 -2.43
C GLY B 121 -7.68 18.26 -1.98
N LYS B 122 -8.35 19.23 -1.38
CA LYS B 122 -7.64 20.46 -0.98
C LYS B 122 -7.42 20.46 0.52
N PHE B 123 -8.47 20.12 1.28
CA PHE B 123 -8.38 20.11 2.73
C PHE B 123 -9.01 18.84 3.27
N ARG B 124 -8.53 18.42 4.46
CA ARG B 124 -9.08 17.30 5.20
C ARG B 124 -8.77 17.43 6.69
N ARG B 125 -9.80 17.37 7.51
CA ARG B 125 -9.66 17.58 8.94
C ARG B 125 -9.28 18.98 9.29
N GLY B 126 -9.70 19.91 8.47
CA GLY B 126 -9.44 21.33 8.59
C GLY B 126 -8.06 21.77 8.13
N ALA B 127 -7.30 20.82 7.62
CA ALA B 127 -5.91 21.07 7.24
C ALA B 127 -5.61 20.58 5.83
N PRO B 128 -4.81 21.36 5.11
CA PRO B 128 -4.43 21.02 3.73
C PRO B 128 -4.06 19.53 3.60
N CYS B 129 -4.33 18.93 2.44
CA CYS B 129 -3.98 17.52 2.28
C CYS B 129 -2.47 17.30 2.27
N TRP B 130 -2.04 16.19 2.88
CA TRP B 130 -0.65 15.81 3.03
C TRP B 130 0.15 15.90 1.73
N TYR B 131 -0.50 15.59 0.60
CA TYR B 131 0.18 15.62 -0.69
C TYR B 131 0.42 17.07 -1.14
N ILE B 132 -0.30 17.99 -0.50
CA ILE B 132 -0.16 19.40 -0.84
C ILE B 132 0.96 20.04 -0.03
N VAL B 133 1.06 19.70 1.25
CA VAL B 133 2.12 20.23 2.09
C VAL B 133 3.46 19.56 1.81
N HIS B 134 3.42 18.30 1.43
CA HIS B 134 4.63 17.55 1.27
C HIS B 134 4.97 17.06 -0.11
N GLY B 135 4.14 17.33 -1.08
CA GLY B 135 4.40 16.82 -2.42
C GLY B 135 3.75 15.45 -2.61
N GLN B 136 3.50 15.09 -3.85
CA GLN B 136 2.82 13.87 -4.24
C GLN B 136 3.70 12.64 -4.07
N SER B 137 4.98 12.79 -4.40
CA SER B 137 5.94 11.69 -4.32
C SER B 137 6.12 11.21 -2.88
N ASN B 138 6.17 12.13 -1.92
CA ASN B 138 6.34 11.79 -0.52
C ASN B 138 5.04 11.23 0.05
N ALA B 139 3.91 11.78 -0.40
CA ALA B 139 2.62 11.29 0.07
C ALA B 139 2.42 9.83 -0.33
N ILE B 140 2.83 9.49 -1.54
CA ILE B 140 2.72 8.11 -2.05
C ILE B 140 3.59 7.16 -1.24
N ASN B 141 4.81 7.61 -0.96
CA ASN B 141 5.74 6.82 -0.17
C ASN B 141 5.25 6.68 1.27
N ASP B 142 4.65 7.76 1.76
CA ASP B 142 4.15 7.81 3.13
C ASP B 142 2.97 6.87 3.33
N ILE B 143 2.21 6.60 2.28
CA ILE B 143 1.12 5.62 2.34
C ILE B 143 1.75 4.27 2.68
N PHE B 144 2.85 3.99 1.99
CA PHE B 144 3.67 2.80 2.14
C PHE B 144 4.25 2.65 3.55
N PHE B 145 4.59 3.76 4.18
CA PHE B 145 5.09 3.83 5.55
C PHE B 145 4.03 3.41 6.56
N LEU B 146 2.87 4.09 6.48
CA LEU B 146 1.81 3.79 7.43
C LEU B 146 1.42 2.31 7.34
N LYS B 147 1.35 1.82 6.09
CA LYS B 147 0.92 0.45 5.84
C LYS B 147 1.83 -0.57 6.51
N MET B 148 3.11 -0.41 6.29
CA MET B 148 4.06 -1.32 6.86
C MET B 148 4.15 -1.14 8.34
N LEU B 149 3.91 0.06 8.79
CA LEU B 149 3.83 0.33 10.23
C LEU B 149 2.67 -0.48 10.79
N SER B 150 1.50 -0.25 10.18
CA SER B 150 0.31 -1.02 10.52
C SER B 150 0.60 -2.50 10.65
N LEU B 151 1.13 -3.06 9.56
CA LEU B 151 1.48 -4.46 9.45
C LEU B 151 2.41 -4.93 10.57
N SER B 152 3.40 -4.10 10.87
CA SER B 152 4.41 -4.46 11.87
C SER B 152 3.87 -4.43 13.29
N LEU B 153 3.05 -3.43 13.62
CA LEU B 153 2.43 -3.37 14.93
C LEU B 153 1.43 -4.50 15.11
N ILE B 154 0.72 -4.87 14.04
CA ILE B 154 -0.17 -6.02 14.14
C ILE B 154 0.65 -7.26 14.48
N PHE B 155 1.60 -7.56 13.58
CA PHE B 155 2.46 -8.73 13.70
C PHE B 155 3.02 -8.88 15.10
N GLU B 156 3.28 -7.76 15.74
CA GLU B 156 3.82 -7.80 17.10
C GLU B 156 2.71 -7.74 18.14
N LEU B 157 1.56 -8.35 17.82
CA LEU B 157 0.53 -8.52 18.86
C LEU B 157 0.44 -10.00 19.24
N SER B 158 1.38 -10.79 18.70
CA SER B 158 1.44 -12.23 18.93
C SER B 158 1.69 -12.58 20.39
N SER B 159 2.55 -11.76 21.04
CA SER B 159 2.94 -12.04 22.42
C SER B 159 1.80 -11.83 23.39
N VAL B 160 0.77 -11.11 22.94
CA VAL B 160 -0.37 -10.76 23.80
C VAL B 160 -1.55 -11.70 23.55
N PHE B 161 -2.00 -11.84 22.32
CA PHE B 161 -3.14 -12.72 22.06
C PHE B 161 -2.72 -14.06 21.44
N GLY B 162 -1.42 -14.14 21.10
CA GLY B 162 -0.90 -15.36 20.51
C GLY B 162 -1.16 -15.37 19.00
N ASN B 163 -0.78 -16.49 18.38
CA ASN B 163 -0.91 -16.64 16.92
C ASN B 163 -2.36 -16.51 16.44
N ASP B 164 -3.22 -17.41 16.93
CA ASP B 164 -4.59 -17.51 16.43
C ASP B 164 -5.24 -16.14 16.28
N ILE B 165 -5.20 -15.33 17.34
CA ILE B 165 -5.82 -14.02 17.30
C ILE B 165 -5.24 -13.16 16.18
N VAL B 166 -3.89 -13.00 16.24
CA VAL B 166 -3.18 -12.20 15.25
C VAL B 166 -3.52 -12.66 13.83
N MET B 167 -3.48 -13.96 13.59
CA MET B 167 -3.80 -14.59 12.32
C MET B 167 -5.19 -14.17 11.85
N LYS B 168 -6.17 -14.31 12.74
CA LYS B 168 -7.55 -13.99 12.39
C LYS B 168 -7.73 -12.49 12.15
N ILE B 169 -6.85 -11.70 12.76
CA ILE B 169 -6.88 -10.25 12.62
C ILE B 169 -6.28 -9.78 11.30
N GLN B 170 -5.25 -10.51 10.86
CA GLN B 170 -4.56 -10.23 9.61
C GLN B 170 -5.37 -10.67 8.40
N LYS B 171 -6.22 -11.68 8.57
CA LYS B 171 -7.12 -12.10 7.50
C LYS B 171 -8.21 -11.06 7.26
N ILE B 172 -8.69 -10.46 8.33
CA ILE B 172 -9.71 -9.41 8.26
C ILE B 172 -9.15 -8.17 7.57
N TYR B 173 -7.94 -7.82 7.98
CA TYR B 173 -7.19 -6.69 7.42
C TYR B 173 -7.05 -6.86 5.91
N ASN B 174 -6.71 -8.08 5.46
CA ASN B 174 -6.44 -8.30 4.05
C ASN B 174 -7.70 -8.19 3.19
N GLU B 175 -8.80 -8.72 3.69
CA GLU B 175 -10.10 -8.75 3.03
C GLU B 175 -10.71 -7.35 2.98
N SER B 176 -10.46 -6.58 4.02
CA SER B 176 -10.97 -5.22 4.19
C SER B 176 -10.37 -4.26 3.16
N ILE B 177 -9.04 -4.15 3.12
CA ILE B 177 -8.38 -3.21 2.23
C ILE B 177 -8.43 -3.68 0.77
N PHE B 178 -8.41 -5.00 0.60
CA PHE B 178 -8.54 -5.60 -0.72
C PHE B 178 -9.83 -5.13 -1.40
N PHE B 179 -10.88 -5.09 -0.61
CA PHE B 179 -12.20 -4.67 -1.06
C PHE B 179 -12.25 -3.16 -1.25
N THR B 180 -11.53 -2.44 -0.39
CA THR B 180 -11.50 -0.99 -0.49
C THR B 180 -10.82 -0.55 -1.79
N VAL B 181 -9.74 -1.24 -2.13
CA VAL B 181 -9.00 -1.01 -3.37
C VAL B 181 -9.89 -1.25 -4.57
N LEU B 182 -10.56 -2.40 -4.59
CA LEU B 182 -11.49 -2.70 -5.68
C LEU B 182 -12.65 -1.70 -5.68
N GLY B 183 -13.06 -1.28 -4.48
CA GLY B 183 -14.08 -0.24 -4.33
C GLY B 183 -13.59 1.09 -4.91
N GLN B 184 -12.34 1.39 -4.66
CA GLN B 184 -11.72 2.58 -5.16
C GLN B 184 -11.51 2.53 -6.65
N HIS B 185 -11.23 1.37 -7.17
CA HIS B 185 -11.19 1.14 -8.59
C HIS B 185 -12.48 1.42 -9.30
N LEU B 186 -13.57 1.08 -8.66
CA LEU B 186 -14.90 1.31 -9.20
C LEU B 186 -15.26 2.78 -9.14
N ASP B 187 -14.62 3.46 -8.20
CA ASP B 187 -14.80 4.89 -8.01
C ASP B 187 -14.10 5.67 -9.11
N LEU B 188 -13.04 5.06 -9.63
CA LEU B 188 -12.22 5.63 -10.69
C LEU B 188 -12.76 5.29 -12.08
N SER B 189 -13.30 4.09 -12.22
CA SER B 189 -13.96 3.57 -13.38
C SER B 189 -15.28 4.29 -13.65
N TYR B 190 -15.29 5.01 -14.81
CA TYR B 190 -16.48 5.76 -15.18
C TYR B 190 -17.59 4.85 -15.67
N PHE B 191 -18.86 5.17 -15.19
CA PHE B 191 -20.04 4.41 -15.60
C PHE B 191 -20.60 4.96 -16.91
N ASP B 192 -21.73 4.36 -17.33
CA ASP B 192 -22.49 4.83 -18.48
C ASP B 192 -23.77 5.53 -18.05
N LEU B 193 -23.77 6.86 -18.08
CA LEU B 193 -24.95 7.63 -17.66
C LEU B 193 -26.17 7.27 -18.48
N SER B 194 -25.99 7.04 -19.78
CA SER B 194 -27.11 6.67 -20.66
C SER B 194 -27.74 5.34 -20.23
N LYS B 195 -26.88 4.40 -19.83
CA LYS B 195 -27.30 3.09 -19.36
C LYS B 195 -27.46 3.09 -17.84
N ALA B 196 -28.48 3.78 -17.37
CA ALA B 196 -28.73 3.95 -15.93
C ALA B 196 -29.87 3.05 -15.46
N ASP B 197 -29.89 1.82 -15.94
CA ASP B 197 -30.91 0.86 -15.54
C ASP B 197 -30.65 0.35 -14.12
N LYS B 198 -29.35 0.17 -13.80
CA LYS B 198 -28.93 -0.31 -12.49
C LYS B 198 -27.66 0.40 -12.05
N ILE B 199 -27.50 1.67 -12.57
CA ILE B 199 -26.37 2.48 -12.17
C ILE B 199 -26.41 2.71 -10.65
N SER B 200 -27.57 2.46 -10.04
CA SER B 200 -27.73 2.55 -8.59
C SER B 200 -27.15 1.27 -7.96
N GLU B 201 -27.37 0.16 -8.67
CA GLU B 201 -26.81 -1.12 -8.27
C GLU B 201 -25.28 -1.04 -8.28
N ARG B 202 -24.77 -0.17 -9.16
CA ARG B 202 -23.33 0.04 -9.25
C ARG B 202 -22.86 0.95 -8.12
N TYR B 203 -23.76 1.82 -7.66
CA TYR B 203 -23.41 2.75 -6.58
C TYR B 203 -23.19 2.03 -5.25
N PHE B 204 -24.23 1.36 -4.78
CA PHE B 204 -24.23 0.67 -3.49
C PHE B 204 -23.17 -0.42 -3.43
N SER B 205 -22.96 -1.11 -4.56
CA SER B 205 -21.96 -2.16 -4.64
C SER B 205 -20.57 -1.58 -4.38
N MET B 206 -20.27 -0.54 -5.13
CA MET B 206 -19.07 0.27 -4.99
C MET B 206 -18.90 0.75 -3.55
N VAL B 207 -19.95 1.35 -3.02
CA VAL B 207 -19.97 1.86 -1.65
C VAL B 207 -19.64 0.77 -0.63
N GLU B 208 -20.24 -0.41 -0.80
CA GLU B 208 -19.94 -1.56 0.05
C GLU B 208 -18.47 -1.95 -0.02
N MET B 209 -17.88 -1.86 -1.21
CA MET B 209 -16.48 -2.18 -1.46
C MET B 209 -15.53 -1.16 -0.85
N LYS B 210 -15.62 0.09 -1.29
CA LYS B 210 -14.69 1.16 -0.94
C LYS B 210 -14.82 1.70 0.47
N THR B 211 -16.06 1.84 0.94
CA THR B 211 -16.26 2.53 2.23
C THR B 211 -16.68 1.58 3.35
N SER B 212 -17.80 0.88 3.17
CA SER B 212 -18.45 0.11 4.21
C SER B 212 -17.55 -0.84 4.98
N ARG B 213 -16.63 -1.47 4.25
CA ARG B 213 -15.79 -2.52 4.80
C ARG B 213 -14.82 -1.95 5.82
N TYR B 214 -13.87 -1.15 5.37
CA TYR B 214 -12.78 -0.72 6.27
C TYR B 214 -13.33 0.15 7.39
N THR B 215 -14.37 0.91 7.10
CA THR B 215 -14.91 1.83 8.10
C THR B 215 -15.57 1.09 9.24
N PHE B 216 -16.39 0.11 8.89
CA PHE B 216 -17.20 -0.60 9.87
C PHE B 216 -16.82 -2.06 10.04
N TYR B 217 -16.79 -2.83 8.96
CA TYR B 217 -16.49 -4.26 9.10
C TYR B 217 -15.17 -4.48 9.83
N MET B 218 -14.15 -3.76 9.39
CA MET B 218 -12.79 -4.00 9.89
C MET B 218 -12.66 -3.72 11.38
N PRO B 219 -13.00 -2.53 11.87
CA PRO B 219 -12.80 -2.25 13.30
C PRO B 219 -13.64 -3.18 14.17
N VAL B 220 -14.90 -3.40 13.79
CA VAL B 220 -15.75 -4.32 14.54
C VAL B 220 -15.15 -5.72 14.60
N PHE B 221 -14.91 -6.33 13.43
CA PHE B 221 -14.38 -7.69 13.47
C PHE B 221 -13.04 -7.77 14.18
N PHE B 222 -12.26 -6.70 14.13
CA PHE B 222 -11.02 -6.63 14.91
C PHE B 222 -11.34 -6.68 16.41
N GLY B 223 -12.45 -6.02 16.76
CA GLY B 223 -12.89 -6.00 18.15
C GLY B 223 -13.45 -7.34 18.59
N LEU B 224 -14.26 -7.94 17.72
CA LEU B 224 -14.86 -9.23 17.99
C LEU B 224 -13.82 -10.31 18.27
N THR B 225 -12.68 -10.22 17.58
CA THR B 225 -11.59 -11.18 17.72
C THR B 225 -10.90 -11.02 19.07
N LEU B 226 -10.41 -9.82 19.36
CA LEU B 226 -9.72 -9.55 20.63
C LEU B 226 -10.53 -10.08 21.82
N SER B 227 -11.84 -9.86 21.74
CA SER B 227 -12.76 -10.24 22.79
C SER B 227 -12.98 -11.74 22.85
N GLU B 228 -13.19 -12.35 21.68
CA GLU B 228 -13.47 -13.78 21.60
C GLU B 228 -14.88 -14.09 22.10
N ILE B 229 -15.81 -13.17 21.85
CA ILE B 229 -17.19 -13.34 22.28
C ILE B 229 -17.73 -14.71 21.87
N GLN B 230 -18.61 -15.26 22.71
CA GLN B 230 -18.83 -16.70 22.75
C GLN B 230 -20.30 -17.05 22.65
N VAL B 231 -20.89 -16.83 21.47
CA VAL B 231 -20.11 -16.64 20.26
C VAL B 231 -20.96 -16.20 19.07
N SER B 232 -22.18 -16.73 19.00
CA SER B 232 -23.13 -16.33 17.99
C SER B 232 -22.48 -16.15 16.62
N SER B 233 -21.97 -17.24 16.06
CA SER B 233 -21.41 -17.22 14.71
C SER B 233 -22.49 -17.13 13.63
N ALA B 234 -23.49 -18.06 13.76
CA ALA B 234 -24.68 -18.01 12.89
C ALA B 234 -25.38 -16.68 13.10
N GLN B 235 -25.21 -16.13 14.28
CA GLN B 235 -25.68 -14.79 14.62
C GLN B 235 -24.54 -13.80 14.38
N LEU B 236 -24.16 -13.68 13.11
CA LEU B 236 -23.08 -12.79 12.69
C LEU B 236 -23.45 -12.06 11.41
N ASN B 237 -24.35 -12.68 10.62
CA ASN B 237 -24.79 -12.05 9.37
C ASN B 237 -25.68 -10.86 9.65
N LEU B 238 -26.53 -10.99 10.68
CA LEU B 238 -27.39 -9.89 11.07
C LEU B 238 -26.58 -8.61 11.27
N ILE B 239 -25.64 -8.69 12.23
CA ILE B 239 -24.81 -7.51 12.52
C ILE B 239 -23.92 -7.19 11.32
N GLU B 240 -23.82 -8.14 10.39
CA GLU B 240 -23.05 -7.87 9.17
C GLU B 240 -23.89 -6.93 8.28
N ALA B 241 -25.19 -7.24 8.24
CA ALA B 241 -26.15 -6.41 7.52
C ALA B 241 -26.25 -5.03 8.15
N ILE B 242 -25.89 -4.94 9.43
CA ILE B 242 -25.88 -3.65 10.13
C ILE B 242 -24.73 -2.78 9.66
N LEU B 243 -23.55 -3.37 9.55
CA LEU B 243 -22.37 -2.61 9.13
C LEU B 243 -22.45 -2.21 7.66
N TYR B 244 -23.18 -3.00 6.88
CA TYR B 244 -23.40 -2.71 5.47
C TYR B 244 -24.23 -1.45 5.27
N LYS B 245 -25.17 -1.20 6.18
CA LYS B 245 -26.07 -0.06 6.10
C LYS B 245 -25.40 1.14 6.77
N LEU B 246 -24.78 0.92 7.91
CA LEU B 246 -23.97 1.94 8.55
C LEU B 246 -22.99 2.60 7.57
N GLY B 247 -22.36 1.74 6.77
CA GLY B 247 -21.37 2.22 5.80
C GLY B 247 -22.04 2.91 4.63
N GLU B 248 -23.14 2.33 4.17
CA GLU B 248 -23.94 2.95 3.11
C GLU B 248 -24.37 4.36 3.51
N PHE B 249 -25.00 4.40 4.67
CA PHE B 249 -25.45 5.64 5.30
C PHE B 249 -24.30 6.64 5.42
N TYR B 250 -23.12 6.16 5.80
CA TYR B 250 -21.96 7.03 5.97
C TYR B 250 -21.57 7.72 4.66
N GLN B 251 -21.42 6.90 3.62
CA GLN B 251 -21.03 7.39 2.29
C GLN B 251 -22.13 8.19 1.63
N VAL B 252 -23.38 7.79 1.81
CA VAL B 252 -24.50 8.53 1.23
C VAL B 252 -24.52 10.00 1.68
N HIS B 253 -24.26 10.21 2.94
CA HIS B 253 -24.26 11.53 3.52
C HIS B 253 -23.04 12.34 3.14
N ASN B 254 -21.90 11.70 3.05
CA ASN B 254 -20.64 12.22 2.52
C ASN B 254 -20.86 12.80 1.12
N ASP B 255 -21.66 12.06 0.36
CA ASP B 255 -21.93 12.39 -1.03
C ASP B 255 -22.80 13.64 -1.17
N VAL B 256 -23.77 13.76 -0.29
CA VAL B 256 -24.72 14.87 -0.29
C VAL B 256 -24.07 16.17 0.19
N SER B 257 -23.27 16.04 1.23
CA SER B 257 -22.52 17.17 1.75
C SER B 257 -21.74 17.83 0.62
N ASP B 258 -21.00 16.99 -0.13
CA ASP B 258 -20.23 17.56 -1.23
C ASP B 258 -21.13 18.35 -2.17
N TYR B 259 -22.21 17.70 -2.68
CA TYR B 259 -23.15 18.41 -3.54
C TYR B 259 -23.69 19.64 -2.85
N LEU B 260 -23.91 19.58 -1.54
CA LEU B 260 -24.58 20.68 -0.86
C LEU B 260 -23.66 21.84 -0.52
N PHE B 261 -22.37 21.60 -0.27
CA PHE B 261 -21.53 22.70 0.20
C PHE B 261 -20.27 22.94 -0.60
N ASN B 262 -19.94 22.05 -1.54
CA ASN B 262 -18.70 22.23 -2.28
C ASN B 262 -18.93 22.96 -3.59
N ASP B 263 -18.25 24.10 -3.74
CA ASP B 263 -18.26 24.84 -4.99
C ASP B 263 -16.86 24.91 -5.61
N SER B 264 -16.60 24.05 -6.58
CA SER B 264 -15.32 24.00 -7.25
C SER B 264 -15.35 23.10 -8.47
N ASN B 265 -14.28 23.13 -9.25
CA ASN B 265 -14.17 22.26 -10.43
C ASN B 265 -13.44 20.96 -10.12
N ALA B 266 -13.34 20.63 -8.84
CA ALA B 266 -12.69 19.40 -8.40
C ALA B 266 -13.65 18.71 -7.43
N ASP B 267 -14.96 18.87 -7.67
CA ASP B 267 -16.00 18.23 -6.88
C ASP B 267 -16.58 17.01 -7.63
N ASP B 268 -17.37 16.23 -6.92
CA ASP B 268 -17.94 14.98 -7.43
C ASP B 268 -18.47 15.11 -8.86
N ILE B 269 -19.26 16.16 -9.08
CA ILE B 269 -19.88 16.44 -10.37
C ILE B 269 -18.84 16.88 -11.39
N CYS B 270 -18.01 17.85 -11.03
CA CYS B 270 -16.97 18.32 -11.94
C CYS B 270 -15.91 17.24 -12.13
N ARG B 271 -15.92 16.24 -11.24
CA ARG B 271 -14.97 15.14 -11.31
C ARG B 271 -15.59 13.88 -11.94
N PHE B 272 -16.85 14.00 -12.34
CA PHE B 272 -17.55 12.85 -12.94
C PHE B 272 -17.46 11.61 -12.06
N LYS B 273 -18.27 11.61 -11.00
CA LYS B 273 -18.27 10.54 -10.01
C LYS B 273 -19.69 10.03 -9.76
N LEU B 274 -19.80 8.74 -9.54
CA LEU B 274 -21.06 8.10 -9.31
C LEU B 274 -21.47 8.30 -7.87
N THR B 275 -22.55 9.02 -7.65
CA THR B 275 -22.91 9.47 -6.32
C THR B 275 -24.40 9.44 -6.06
N TRP B 276 -24.75 9.41 -4.77
CA TRP B 276 -26.13 9.32 -4.32
C TRP B 276 -27.07 10.30 -5.01
N PRO B 277 -26.77 11.59 -4.99
CA PRO B 277 -27.65 12.55 -5.68
C PRO B 277 -27.85 12.21 -7.16
N LEU B 278 -26.80 11.83 -7.88
CA LEU B 278 -26.98 11.51 -9.30
C LEU B 278 -27.71 10.18 -9.48
N GLN B 279 -27.42 9.27 -8.54
CA GLN B 279 -28.09 7.97 -8.51
C GLN B 279 -29.60 8.13 -8.42
N LYS B 280 -30.06 8.90 -7.45
CA LYS B 280 -31.44 9.20 -7.14
C LYS B 280 -32.12 10.06 -8.22
N SER B 281 -31.40 11.10 -8.68
CA SER B 281 -31.87 11.98 -9.72
C SER B 281 -32.40 11.21 -10.93
N PHE B 282 -31.59 10.30 -11.44
CA PHE B 282 -31.94 9.42 -12.54
C PHE B 282 -33.14 8.54 -12.17
N GLU B 283 -33.34 8.37 -10.87
CA GLU B 283 -34.45 7.57 -10.34
C GLU B 283 -35.77 8.35 -10.31
N ILE B 284 -35.67 9.65 -10.11
CA ILE B 284 -36.83 10.52 -9.87
C ILE B 284 -37.16 11.43 -11.06
N ALA B 285 -36.13 11.72 -11.91
CA ALA B 285 -36.27 12.68 -12.98
C ALA B 285 -36.94 12.13 -14.25
N ASP B 286 -37.66 13.03 -14.90
CA ASP B 286 -38.28 12.81 -16.20
C ASP B 286 -37.20 12.59 -17.25
N GLU B 287 -37.58 12.19 -18.46
CA GLU B 287 -36.64 11.97 -19.54
C GLU B 287 -36.04 13.26 -20.07
N GLU B 288 -36.55 14.38 -19.56
CA GLU B 288 -36.11 15.71 -19.98
C GLU B 288 -35.06 16.31 -19.05
N MET B 289 -35.02 15.89 -17.78
CA MET B 289 -34.00 16.41 -16.87
C MET B 289 -32.75 15.53 -16.89
N LYS B 290 -32.95 14.21 -17.02
CA LYS B 290 -31.79 13.32 -17.08
C LYS B 290 -30.96 13.66 -18.30
N LEU B 291 -31.59 14.33 -19.28
CA LEU B 291 -30.86 14.76 -20.45
C LEU B 291 -29.99 15.96 -20.12
N LYS B 292 -30.51 16.88 -19.32
CA LYS B 292 -29.74 18.07 -18.97
C LYS B 292 -28.55 17.74 -18.08
N ILE B 293 -28.65 16.65 -17.34
CA ILE B 293 -27.59 16.21 -16.43
C ILE B 293 -26.50 15.45 -17.16
N SER B 294 -26.89 14.57 -18.09
CA SER B 294 -25.92 13.80 -18.87
C SER B 294 -25.03 14.71 -19.71
N GLU B 295 -25.58 15.86 -20.12
CA GLU B 295 -24.86 16.80 -20.97
C GLU B 295 -23.79 17.56 -20.19
N ASN B 296 -24.14 18.02 -19.00
CA ASN B 296 -23.30 18.91 -18.21
C ASN B 296 -22.43 18.17 -17.22
N TYR B 297 -22.55 16.86 -17.21
CA TYR B 297 -21.73 16.03 -16.34
C TYR B 297 -20.51 15.63 -17.08
N GLY B 298 -19.36 16.07 -16.61
CA GLY B 298 -19.31 17.14 -15.63
C GLY B 298 -18.40 18.26 -16.05
N LYS B 299 -18.99 19.29 -16.65
CA LYS B 299 -18.29 20.52 -16.94
C LYS B 299 -18.93 21.65 -16.19
N ASN B 300 -20.20 21.85 -16.37
CA ASN B 300 -20.95 22.78 -15.57
C ASN B 300 -21.64 22.09 -14.43
N SER B 301 -21.02 22.11 -13.27
CA SER B 301 -21.62 21.55 -12.06
C SER B 301 -22.83 22.38 -11.59
N SER B 302 -22.83 23.63 -12.08
CA SER B 302 -23.88 24.61 -11.79
C SER B 302 -25.26 24.09 -12.18
N LEU B 303 -25.35 23.70 -13.46
CA LEU B 303 -26.61 23.25 -14.04
C LEU B 303 -27.02 21.90 -13.46
N VAL B 304 -26.03 21.07 -13.16
CA VAL B 304 -26.31 19.75 -12.59
C VAL B 304 -27.03 19.87 -11.24
N LYS B 305 -26.55 20.78 -10.41
CA LYS B 305 -27.14 21.09 -9.11
C LYS B 305 -28.48 21.81 -9.26
N ASP B 306 -28.58 22.71 -10.25
CA ASP B 306 -29.85 23.39 -10.49
C ASP B 306 -30.98 22.37 -10.54
N CYS B 307 -30.73 21.29 -11.28
CA CYS B 307 -31.66 20.17 -11.43
C CYS B 307 -31.88 19.49 -10.09
N TYR B 308 -30.78 19.16 -9.39
CA TYR B 308 -30.86 18.52 -8.07
C TYR B 308 -31.83 19.25 -7.15
N ASN B 309 -31.93 20.56 -7.31
CA ASN B 309 -32.81 21.39 -6.52
C ASN B 309 -34.27 21.27 -6.96
N LEU B 310 -34.48 21.17 -8.27
CA LEU B 310 -35.82 21.02 -8.84
C LEU B 310 -36.29 19.57 -8.78
N LEU B 311 -35.34 18.70 -8.45
CA LEU B 311 -35.56 17.28 -8.22
C LEU B 311 -35.70 17.04 -6.71
N LYS B 312 -35.31 18.09 -5.96
CA LYS B 312 -35.31 18.13 -4.49
C LYS B 312 -34.65 16.88 -3.92
N ILE B 313 -33.41 16.65 -4.36
CA ILE B 313 -32.55 15.57 -3.89
C ILE B 313 -32.36 15.63 -2.37
N ASN B 314 -32.03 16.82 -1.92
CA ASN B 314 -31.87 17.11 -0.49
C ASN B 314 -33.04 16.53 0.31
N GLU B 315 -34.24 16.77 -0.19
CA GLU B 315 -35.45 16.25 0.43
C GLU B 315 -35.39 14.72 0.52
N HIS B 316 -35.07 14.11 -0.63
CA HIS B 316 -35.04 12.66 -0.73
C HIS B 316 -33.98 12.06 0.18
N TYR B 317 -32.90 12.79 0.44
CA TYR B 317 -31.89 12.22 1.33
C TYR B 317 -32.41 12.16 2.76
N LEU B 318 -33.31 13.06 3.10
CA LEU B 318 -33.85 13.19 4.45
C LEU B 318 -34.77 12.02 4.82
N GLU B 319 -35.58 11.58 3.87
CA GLU B 319 -36.41 10.40 4.06
C GLU B 319 -35.54 9.15 4.12
N TYR B 320 -34.39 9.22 3.47
CA TYR B 320 -33.35 8.18 3.53
C TYR B 320 -32.76 8.13 4.94
N GLN B 321 -32.17 9.27 5.32
CA GLN B 321 -31.57 9.42 6.65
C GLN B 321 -32.53 8.94 7.73
N ARG B 322 -33.82 9.22 7.52
CA ARG B 322 -34.91 8.88 8.42
C ARG B 322 -35.12 7.37 8.52
N ASN B 323 -35.28 6.75 7.34
CA ASN B 323 -35.48 5.31 7.24
C ASN B 323 -34.21 4.55 7.60
N ALA B 324 -33.07 5.22 7.40
CA ALA B 324 -31.78 4.58 7.69
C ALA B 324 -31.67 4.26 9.18
N LEU B 325 -32.07 5.23 10.00
CA LEU B 325 -32.00 5.14 11.46
C LEU B 325 -32.80 3.97 12.01
N ASP B 326 -34.10 3.95 11.70
CA ASP B 326 -35.00 2.97 12.29
C ASP B 326 -34.73 1.56 11.81
N TYR B 327 -34.30 1.43 10.55
CA TYR B 327 -33.98 0.10 10.04
C TYR B 327 -32.78 -0.49 10.78
N LEU B 328 -31.88 0.40 11.19
CA LEU B 328 -30.73 -0.03 11.98
C LEU B 328 -31.17 -0.45 13.39
N ILE B 329 -32.17 0.27 13.90
CA ILE B 329 -32.79 -0.05 15.18
C ILE B 329 -33.60 -1.33 15.08
N LYS B 330 -34.34 -1.49 13.98
CA LYS B 330 -35.03 -2.74 13.72
C LYS B 330 -34.05 -3.91 13.88
N LEU B 331 -33.00 -3.86 13.07
CA LEU B 331 -31.91 -4.82 13.06
C LEU B 331 -31.27 -4.99 14.45
N VAL B 332 -31.01 -3.88 15.13
CA VAL B 332 -30.41 -3.92 16.46
C VAL B 332 -31.28 -4.70 17.45
N LYS B 333 -32.57 -4.43 17.37
CA LYS B 333 -33.56 -5.03 18.24
C LYS B 333 -33.64 -6.55 18.09
N ASP B 334 -33.00 -7.08 17.07
CA ASP B 334 -33.01 -8.51 16.80
C ASP B 334 -31.75 -9.21 17.32
N ILE B 335 -30.76 -8.45 17.78
CA ILE B 335 -29.54 -9.10 18.23
C ILE B 335 -29.79 -9.87 19.52
N THR B 336 -29.42 -11.14 19.52
CA THR B 336 -29.76 -12.12 20.54
C THR B 336 -28.89 -12.04 21.79
N ASP B 337 -27.62 -11.72 21.62
CA ASP B 337 -26.64 -11.85 22.68
C ASP B 337 -27.02 -10.99 23.89
N ASP B 338 -27.62 -9.84 23.62
CA ASP B 338 -28.07 -8.95 24.68
C ASP B 338 -26.87 -8.32 25.40
N SER B 339 -25.70 -8.90 25.19
CA SER B 339 -24.44 -8.24 25.55
C SER B 339 -23.77 -7.64 24.32
N LEU B 340 -23.94 -8.30 23.18
CA LEU B 340 -23.51 -7.74 21.91
C LEU B 340 -24.40 -6.59 21.47
N GLN B 341 -25.66 -6.64 21.88
CA GLN B 341 -26.62 -5.61 21.53
C GLN B 341 -26.33 -4.30 22.25
N LYS B 342 -25.64 -4.38 23.41
CA LYS B 342 -25.34 -3.14 24.11
C LYS B 342 -24.39 -2.26 23.31
N VAL B 343 -23.23 -2.79 22.91
CA VAL B 343 -22.25 -1.98 22.19
C VAL B 343 -22.75 -1.58 20.81
N PHE B 344 -23.62 -2.41 20.23
CA PHE B 344 -24.22 -2.10 18.92
C PHE B 344 -25.32 -1.06 19.04
N ILE B 345 -25.77 -0.85 20.28
CA ILE B 345 -26.72 0.22 20.57
C ILE B 345 -25.98 1.56 20.57
N HIS B 346 -24.78 1.57 21.13
CA HIS B 346 -23.93 2.76 21.14
C HIS B 346 -23.48 3.10 19.72
N LEU B 347 -23.05 2.06 19.03
CA LEU B 347 -22.59 2.12 17.65
C LEU B 347 -23.56 2.84 16.72
N ILE B 348 -24.82 2.42 16.72
CA ILE B 348 -25.84 3.08 15.89
C ILE B 348 -26.01 4.54 16.26
N HIS B 349 -25.97 4.80 17.56
CA HIS B 349 -26.10 6.16 18.09
C HIS B 349 -24.95 7.05 17.63
N GLN B 350 -23.74 6.58 17.92
CA GLN B 350 -22.53 7.34 17.61
C GLN B 350 -22.46 7.75 16.15
N ILE B 351 -22.85 6.86 15.23
CA ILE B 351 -22.74 7.18 13.81
C ILE B 351 -23.82 8.14 13.38
N SER B 352 -25.06 7.87 13.81
CA SER B 352 -26.16 8.77 13.47
C SER B 352 -25.97 10.15 14.06
N GLU B 353 -25.38 10.23 15.26
CA GLU B 353 -25.13 11.56 15.84
C GLU B 353 -24.07 12.30 15.04
N LEU B 354 -23.14 11.55 14.49
CA LEU B 354 -22.10 12.11 13.63
C LEU B 354 -22.73 12.79 12.42
N ILE B 355 -23.74 12.13 11.84
CA ILE B 355 -24.30 12.52 10.56
C ILE B 355 -25.46 13.51 10.65
N THR B 356 -26.17 13.49 11.77
CA THR B 356 -27.33 14.39 11.92
C THR B 356 -27.00 15.66 12.68
N ASN B 357 -25.92 15.63 13.50
CA ASN B 357 -25.59 16.82 14.27
C ASN B 357 -24.59 17.70 13.52
N SER B 358 -24.77 17.79 12.20
CA SER B 358 -23.85 18.54 11.35
C SER B 358 -24.18 20.02 11.20
N ARG B 359 -23.69 20.62 10.12
CA ARG B 359 -24.30 21.83 9.57
C ARG B 359 -25.79 21.57 9.38
N SER B 360 -26.60 22.15 10.26
CA SER B 360 -28.05 21.94 10.22
C SER B 360 -28.72 23.13 9.54
N ASN B 361 -28.07 24.28 9.58
CA ASN B 361 -28.64 25.51 9.03
C ASN B 361 -27.67 26.72 9.18
MG MG C . 17.97 5.05 -11.70
MG MG D . 13.28 6.50 -7.21
MG MG E . 13.47 5.44 -10.51
O12 RIS F . 14.06 3.86 -11.61
P9 RIS F . 15.30 3.00 -11.51
O11 RIS F . 16.61 3.58 -12.01
O10 RIS F . 15.22 1.60 -12.08
C8 RIS F . 15.60 2.73 -9.74
O13 RIS F . 16.73 1.90 -9.56
P14 RIS F . 15.89 4.28 -8.89
O16 RIS F . 17.00 4.98 -9.55
O15 RIS F . 14.61 5.01 -8.97
O17 RIS F . 16.22 3.66 -7.58
C7 RIS F . 14.36 1.95 -9.22
C2 RIS F . 14.43 1.66 -7.73
C1 RIS F . 13.28 1.96 -6.96
C6 RIS F . 13.23 1.53 -5.65
C5 RIS F . 14.28 0.82 -5.14
N4 RIS F . 15.38 0.54 -5.86
C3 RIS F . 15.46 0.95 -7.13
MG MG G . -17.12 12.82 -0.73
MG MG H . -12.41 12.41 -1.86
MG MG I . -13.44 9.14 -4.09
O12 RIS J . -12.97 12.26 0.02
P9 RIS J . -14.24 11.94 0.77
O11 RIS J . -15.50 12.64 0.29
O10 RIS J . -14.17 12.20 2.26
C8 RIS J . -14.62 10.20 0.52
O13 RIS J . -15.84 9.88 1.16
P14 RIS J . -14.82 9.84 -1.24
O16 RIS J . -15.87 10.75 -1.75
O15 RIS J . -13.50 10.11 -1.82
O17 RIS J . -15.23 8.44 -1.12
C7 RIS J . -13.49 9.41 1.21
C2 RIS J . -13.46 7.91 0.94
C1 RIS J . -12.24 7.35 0.45
C6 RIS J . -12.13 5.97 0.32
C5 RIS J . -13.23 5.17 0.63
N4 RIS J . -14.39 5.71 1.05
C3 RIS J . -14.52 7.05 1.22
#